data_5BWR
#
_entry.id   5BWR
#
_cell.length_a   69.165
_cell.length_b   106.214
_cell.length_c   107.454
_cell.angle_alpha   90.000
_cell.angle_beta   90.000
_cell.angle_gamma   90.000
#
_symmetry.space_group_name_H-M   'P 21 21 21'
#
loop_
_entity.id
_entity.type
_entity.pdbx_description
1 polymer 'Branched-chain-amino-acid aminotransferase, mitochondrial'
2 non-polymer "PYRIDOXAL-5'-PHOSPHATE"
3 non-polymer 5-benzyl-7-oxo-4,7-dihydropyrazolo[1,5-a]pyrimidine-3-carbonitrile
4 non-polymer 'CHLORIDE ION'
5 non-polymer 1,2-ETHANEDIOL
6 water water
#
_entity_poly.entity_id   1
_entity_poly.type   'polypeptide(L)'
_entity_poly.pdbx_seq_one_letter_code
;GSHMASSSFKAADLQLEMTQKPHKKPGPGEPLVFGKTFTDHMLMVEWNDKGWGQPRIQPFQNLTLHPASSSLHYSLQLFE
GMKAFKGKDQQVRLFRPWLNMDRMLRSAMRLCLPSFDKLELLECIRRLIEVDKDWVPDAAGTSLYVRPVLIGNEPSLGVS
QPTRALLFVILCPVGAYFPGGSVTPVSLLADPAFIRAWVGGVGNYKLGGNYGPTVLVQQEALKRGCEQVLWLYGPDHQLT
EVGTMNIFVYWTHEDGVLELVTPPLNGVILPGVVRQSLLDMAQTWGEFRVVERTITMKQLLRALEEGRVREVFGSGTACQ
VCPVHRILYKDRNLHIPTMENGPELILRFQKELKEIQYGIRAHEWMFPV
;
_entity_poly.pdbx_strand_id   A,B
#
loop_
_chem_comp.id
_chem_comp.type
_chem_comp.name
_chem_comp.formula
4VT non-polymer 5-benzyl-7-oxo-4,7-dihydropyrazolo[1,5-a]pyrimidine-3-carbonitrile 'C14 H10 N4 O'
CL non-polymer 'CHLORIDE ION' 'Cl -1'
EDO non-polymer 1,2-ETHANEDIOL 'C2 H6 O2'
PLP non-polymer PYRIDOXAL-5'-PHOSPHATE 'C8 H10 N O6 P'
#
# COMPACT_ATOMS: atom_id res chain seq x y z
N SER A 7 27.06 1.89 -1.35
CA SER A 7 27.07 2.04 -2.84
C SER A 7 26.01 3.06 -3.30
N SER A 8 26.35 3.81 -4.34
CA SER A 8 25.43 4.79 -4.91
C SER A 8 25.79 5.09 -6.34
N PHE A 9 24.78 5.49 -7.10
CA PHE A 9 24.99 6.01 -8.43
C PHE A 9 25.58 7.42 -8.31
N LYS A 10 26.33 7.81 -9.34
CA LYS A 10 26.97 9.12 -9.38
C LYS A 10 26.49 9.93 -10.57
N ALA A 11 26.23 11.22 -10.32
CA ALA A 11 25.87 12.16 -11.38
C ALA A 11 26.97 12.24 -12.43
N ALA A 12 28.23 12.17 -12.01
CA ALA A 12 29.37 12.18 -12.94
C ALA A 12 29.21 11.13 -14.02
N ASP A 13 28.50 10.04 -13.71
CA ASP A 13 28.30 8.94 -14.65
C ASP A 13 27.03 9.02 -15.46
N LEU A 14 26.28 10.12 -15.39
CA LEU A 14 25.02 10.23 -16.16
C LEU A 14 25.18 9.99 -17.64
N GLN A 15 24.26 9.24 -18.24
CA GLN A 15 24.21 9.12 -19.69
C GLN A 15 22.99 9.90 -20.12
N LEU A 16 23.12 10.61 -21.23
CA LEU A 16 22.05 11.41 -21.77
C LEU A 16 21.67 10.86 -23.12
N GLU A 17 20.37 10.64 -23.31
CA GLU A 17 19.80 10.23 -24.57
C GLU A 17 18.69 11.20 -24.83
N MET A 18 18.91 12.09 -25.80
CA MET A 18 17.93 13.10 -26.13
C MET A 18 16.81 12.50 -26.92
N THR A 19 15.63 13.10 -26.79
CA THR A 19 14.45 12.58 -27.45
C THR A 19 14.53 12.88 -28.94
N GLN A 20 14.00 11.95 -29.73
CA GLN A 20 13.87 12.13 -31.17
C GLN A 20 12.44 12.56 -31.53
N LYS A 21 11.50 12.45 -30.58
CA LYS A 21 10.09 12.80 -30.81
C LYS A 21 9.61 13.81 -29.79
N PRO A 22 10.10 15.04 -29.84
CA PRO A 22 9.66 15.99 -28.81
C PRO A 22 8.15 16.18 -28.82
N HIS A 23 7.52 16.23 -27.65
CA HIS A 23 6.08 16.47 -27.63
C HIS A 23 5.79 17.97 -27.65
N LYS A 24 4.66 18.33 -28.23
CA LYS A 24 4.22 19.72 -28.31
C LYS A 24 3.92 20.22 -26.89
N LYS A 25 4.31 21.45 -26.55
CA LYS A 25 4.09 21.96 -25.20
C LYS A 25 2.64 22.49 -25.04
N PRO A 26 2.15 22.57 -23.79
CA PRO A 26 0.76 22.97 -23.56
C PRO A 26 0.45 24.30 -24.21
N GLY A 27 -0.60 24.32 -25.04
CA GLY A 27 -1.01 25.52 -25.77
C GLY A 27 -1.30 26.72 -24.87
N PRO A 28 -1.31 27.93 -25.45
CA PRO A 28 -1.53 29.12 -24.61
C PRO A 28 -2.94 29.25 -24.04
N GLY A 29 -3.94 28.71 -24.75
CA GLY A 29 -5.35 28.77 -24.31
C GLY A 29 -5.88 27.44 -23.80
N GLU A 30 -4.97 26.63 -23.22
CA GLU A 30 -5.34 25.30 -22.74
C GLU A 30 -4.93 25.20 -21.27
N PRO A 31 -5.83 24.69 -20.41
CA PRO A 31 -5.49 24.64 -18.98
C PRO A 31 -4.67 23.40 -18.62
N LEU A 32 -3.72 23.59 -17.72
CA LEU A 32 -2.88 22.51 -17.20
C LEU A 32 -3.56 21.77 -16.05
N VAL A 33 -4.18 20.62 -16.35
CA VAL A 33 -4.76 19.76 -15.31
C VAL A 33 -3.56 19.16 -14.59
N PHE A 34 -3.59 19.14 -13.27
CA PHE A 34 -2.46 18.62 -12.48
C PHE A 34 -2.11 17.17 -12.82
N GLY A 35 -0.83 16.91 -13.07
CA GLY A 35 -0.28 15.57 -13.22
C GLY A 35 -0.71 14.73 -14.41
N LYS A 36 -1.12 15.37 -15.49
CA LYS A 36 -1.50 14.66 -16.71
C LYS A 36 -0.56 14.93 -17.89
N THR A 37 0.23 16.01 -17.82
CA THR A 37 1.11 16.41 -18.91
C THR A 37 2.54 16.26 -18.46
N PHE A 38 3.32 15.53 -19.23
CA PHE A 38 4.68 15.23 -18.87
C PHE A 38 5.68 15.86 -19.83
N THR A 39 6.90 16.05 -19.36
CA THR A 39 7.94 16.62 -20.20
C THR A 39 8.54 15.51 -21.07
N ASP A 40 9.55 15.87 -21.87
CA ASP A 40 10.13 14.97 -22.87
C ASP A 40 11.07 13.94 -22.31
N HIS A 41 11.68 14.25 -21.17
CA HIS A 41 12.65 13.33 -20.58
C HIS A 41 12.32 12.86 -19.15
N MET A 42 13.03 11.81 -18.76
CA MET A 42 12.90 11.20 -17.46
C MET A 42 14.25 10.69 -17.01
N LEU A 43 14.45 10.61 -15.70
CA LEU A 43 15.63 9.97 -15.12
C LEU A 43 15.27 8.50 -14.87
N MET A 44 16.27 7.63 -14.96
CA MET A 44 16.10 6.19 -14.75
C MET A 44 17.40 5.65 -14.15
N VAL A 45 17.31 4.97 -13.01
CA VAL A 45 18.48 4.32 -12.38
C VAL A 45 18.00 2.96 -11.86
N GLU A 46 18.68 1.89 -12.25
CA GLU A 46 18.34 0.52 -11.82
C GLU A 46 19.31 0.05 -10.77
N TRP A 47 18.85 -0.84 -9.89
CA TRP A 47 19.66 -1.45 -8.85
C TRP A 47 19.45 -2.96 -8.90
N ASN A 48 20.51 -3.70 -8.60
CA ASN A 48 20.41 -5.16 -8.44
C ASN A 48 21.50 -5.60 -7.48
N ASP A 49 21.79 -6.90 -7.44
CA ASP A 49 22.81 -7.42 -6.51
C ASP A 49 24.19 -6.83 -6.83
N LYS A 50 24.42 -6.42 -8.09
CA LYS A 50 25.67 -5.74 -8.44
C LYS A 50 25.76 -4.30 -7.88
N GLY A 51 24.66 -3.76 -7.35
CA GLY A 51 24.62 -2.36 -6.89
C GLY A 51 23.90 -1.50 -7.90
N TRP A 52 24.11 -0.18 -7.83
CA TRP A 52 23.46 0.74 -8.75
C TRP A 52 24.09 0.76 -10.13
N GLY A 53 23.27 0.68 -11.16
CA GLY A 53 23.73 0.88 -12.52
C GLY A 53 24.00 2.36 -12.77
N GLN A 54 24.15 2.70 -14.05
CA GLN A 54 24.43 4.08 -14.44
C GLN A 54 23.14 4.87 -14.47
N PRO A 55 23.14 6.10 -13.92
CA PRO A 55 21.95 6.90 -14.11
C PRO A 55 21.83 7.37 -15.59
N ARG A 56 20.61 7.33 -16.13
CA ARG A 56 20.30 7.82 -17.47
C ARG A 56 19.19 8.87 -17.46
N ILE A 57 19.39 9.92 -18.26
CA ILE A 57 18.36 10.84 -18.63
C ILE A 57 18.01 10.39 -20.03
N GLN A 58 16.75 10.07 -20.25
CA GLN A 58 16.35 9.44 -21.47
C GLN A 58 14.96 9.93 -21.83
N PRO A 59 14.52 9.63 -23.05
CA PRO A 59 13.17 10.03 -23.44
C PRO A 59 12.09 9.46 -22.52
N PHE A 60 11.03 10.23 -22.32
CA PHE A 60 9.91 9.78 -21.50
C PHE A 60 9.37 8.53 -22.18
N GLN A 61 9.35 7.42 -21.46
CA GLN A 61 8.89 6.16 -22.04
C GLN A 61 8.29 5.23 -20.97
N ASN A 62 7.57 4.23 -21.44
CA ASN A 62 6.96 3.22 -20.58
C ASN A 62 7.98 2.39 -19.87
N LEU A 63 7.56 1.81 -18.74
CA LEU A 63 8.41 0.92 -17.99
C LEU A 63 8.11 -0.50 -18.43
N THR A 64 9.11 -1.37 -18.33
CA THR A 64 8.94 -2.78 -18.69
C THR A 64 9.06 -3.54 -17.39
N LEU A 65 7.95 -4.13 -16.91
CA LEU A 65 7.97 -4.87 -15.62
C LEU A 65 7.63 -6.35 -15.71
N HIS A 66 8.42 -7.21 -15.07
CA HIS A 66 8.09 -8.61 -14.91
C HIS A 66 6.69 -8.71 -14.24
N PRO A 67 5.86 -9.68 -14.64
CA PRO A 67 4.50 -9.85 -14.09
C PRO A 67 4.46 -10.08 -12.59
N ALA A 68 5.52 -10.63 -12.04
CA ALA A 68 5.63 -10.89 -10.63
C ALA A 68 6.28 -9.76 -9.82
N SER A 69 6.58 -8.63 -10.47
CA SER A 69 7.31 -7.52 -9.83
C SER A 69 6.75 -7.17 -8.45
N SER A 70 7.60 -7.19 -7.43
CA SER A 70 7.13 -6.92 -6.08
C SER A 70 6.53 -5.49 -5.92
N SER A 71 6.82 -4.63 -6.89
CA SER A 71 6.24 -3.28 -6.90
C SER A 71 4.73 -3.33 -7.05
N LEU A 72 4.23 -4.40 -7.70
CA LEU A 72 2.80 -4.53 -8.06
C LEU A 72 1.97 -5.50 -7.21
N HIS A 73 2.64 -6.37 -6.48
CA HIS A 73 1.95 -7.35 -5.61
C HIS A 73 2.00 -6.90 -4.15
N TYR A 74 3.16 -6.44 -3.68
CA TYR A 74 3.32 -6.05 -2.29
C TYR A 74 3.64 -4.56 -2.03
N SER A 75 3.28 -3.70 -2.99
CA SER A 75 3.35 -2.28 -2.82
C SER A 75 4.72 -1.82 -2.34
N LEU A 76 5.75 -2.36 -2.97
CA LEU A 76 7.11 -1.94 -2.67
C LEU A 76 7.35 -0.70 -3.53
N GLN A 77 6.83 0.44 -3.05
CA GLN A 77 6.83 1.66 -3.84
C GLN A 77 6.71 2.87 -2.92
N LEU A 78 7.42 3.92 -3.26
CA LEU A 78 7.38 5.17 -2.54
C LEU A 78 7.63 6.26 -3.56
N PHE A 79 7.24 7.48 -3.23
CA PHE A 79 7.40 8.59 -4.13
C PHE A 79 7.68 9.87 -3.37
N GLU A 80 7.93 10.90 -4.15
CA GLU A 80 8.11 12.24 -3.64
C GLU A 80 7.39 13.21 -4.54
N GLY A 81 7.38 14.46 -4.10
CA GLY A 81 6.71 15.54 -4.78
C GLY A 81 7.38 16.84 -4.38
N MET A 82 7.91 17.55 -5.37
CA MET A 82 8.49 18.87 -5.12
C MET A 82 8.36 19.73 -6.35
N LYS A 83 8.63 21.02 -6.19
CA LYS A 83 8.45 21.97 -7.28
C LYS A 83 9.69 22.78 -7.66
N ALA A 84 9.79 23.06 -8.96
CA ALA A 84 10.80 23.97 -9.48
C ALA A 84 10.05 25.20 -9.95
N PHE A 85 10.66 26.35 -9.69
CA PHE A 85 10.04 27.63 -9.98
C PHE A 85 10.98 28.44 -10.85
N LYS A 86 10.43 29.03 -11.91
CA LYS A 86 11.17 29.92 -12.81
C LYS A 86 10.95 31.40 -12.39
N GLY A 87 12.02 32.07 -11.97
CA GLY A 87 11.96 33.50 -11.62
C GLY A 87 11.97 34.37 -12.87
N LYS A 88 11.58 35.65 -12.74
CA LYS A 88 11.54 36.56 -13.90
C LYS A 88 12.86 36.54 -14.70
N ASP A 89 13.96 36.42 -13.99
CA ASP A 89 15.29 36.30 -14.59
C ASP A 89 15.50 34.97 -15.34
N GLN A 90 14.42 34.22 -15.56
CA GLN A 90 14.45 32.91 -16.25
C GLN A 90 15.33 31.86 -15.54
N GLN A 91 15.63 32.13 -14.28
CA GLN A 91 16.38 31.20 -13.45
C GLN A 91 15.37 30.23 -12.81
N VAL A 92 15.63 28.94 -12.94
CA VAL A 92 14.79 27.91 -12.34
C VAL A 92 15.41 27.50 -11.02
N ARG A 93 14.57 27.35 -10.00
CA ARG A 93 15.04 26.95 -8.67
C ARG A 93 14.12 25.94 -8.00
N LEU A 94 14.72 25.03 -7.24
CA LEU A 94 14.00 24.05 -6.44
C LEU A 94 13.84 24.55 -5.02
N PHE A 95 12.65 24.39 -4.47
CA PHE A 95 12.33 24.73 -3.09
C PHE A 95 12.74 23.64 -2.08
N ARG A 96 13.72 23.93 -1.24
CA ARG A 96 14.18 23.03 -0.17
C ARG A 96 14.22 21.56 -0.58
N PRO A 97 14.85 21.25 -1.73
CA PRO A 97 14.86 19.85 -2.20
C PRO A 97 15.57 18.85 -1.26
N TRP A 98 16.54 19.31 -0.49
CA TRP A 98 17.26 18.45 0.45
C TRP A 98 16.30 17.70 1.39
N LEU A 99 15.22 18.36 1.78
CA LEU A 99 14.20 17.76 2.67
C LEU A 99 13.42 16.60 2.00
N ASN A 100 13.12 16.74 0.72
CA ASN A 100 12.47 15.66 -0.04
C ASN A 100 13.41 14.48 -0.17
N MET A 101 14.67 14.77 -0.45
CA MET A 101 15.69 13.75 -0.54
C MET A 101 15.81 13.03 0.80
N ASP A 102 15.82 13.79 1.90
CA ASP A 102 15.87 13.17 3.24
C ASP A 102 14.66 12.25 3.45
N ARG A 103 13.48 12.74 3.10
CA ARG A 103 12.24 12.00 3.34
C ARG A 103 12.19 10.74 2.45
N MET A 104 12.63 10.88 1.21
CA MET A 104 12.65 9.75 0.28
C MET A 104 13.53 8.61 0.80
N LEU A 105 14.69 8.95 1.35
CA LEU A 105 15.60 7.93 1.88
C LEU A 105 15.00 7.24 3.12
N ARG A 106 14.28 7.99 3.96
CA ARG A 106 13.64 7.36 5.11
C ARG A 106 12.55 6.39 4.63
N SER A 107 11.80 6.79 3.61
CA SER A 107 10.79 5.93 3.01
C SER A 107 11.42 4.63 2.48
N ALA A 108 12.55 4.78 1.80
CA ALA A 108 13.29 3.65 1.25
C ALA A 108 13.75 2.70 2.34
N MET A 109 14.25 3.25 3.44
CA MET A 109 14.69 2.42 4.51
C MET A 109 13.50 1.63 5.10
N ARG A 110 12.34 2.30 5.23
CA ARG A 110 11.17 1.65 5.80
C ARG A 110 10.69 0.45 4.95
N LEU A 111 10.88 0.51 3.64
CA LEU A 111 10.46 -0.55 2.73
C LEU A 111 11.58 -1.49 2.27
N CYS A 112 12.69 -1.46 2.98
CA CYS A 112 13.87 -2.28 2.66
C CYS A 112 14.26 -2.16 1.20
N LEU A 113 14.12 -0.94 0.67
CA LEU A 113 14.58 -0.61 -0.66
C LEU A 113 15.99 0.00 -0.56
N PRO A 114 16.77 -0.08 -1.64
CA PRO A 114 18.17 0.33 -1.55
C PRO A 114 18.39 1.81 -1.27
N SER A 115 19.33 2.07 -0.38
CA SER A 115 19.87 3.39 -0.14
C SER A 115 20.58 3.98 -1.39
N PHE A 116 20.64 5.30 -1.44
CA PHE A 116 21.37 6.04 -2.46
C PHE A 116 21.92 7.30 -1.81
N ASP A 117 22.76 8.04 -2.52
CA ASP A 117 23.31 9.31 -2.02
C ASP A 117 22.38 10.47 -2.38
N LYS A 118 21.88 11.17 -1.37
CA LYS A 118 20.91 12.26 -1.57
C LYS A 118 21.41 13.38 -2.49
N LEU A 119 22.65 13.78 -2.32
CA LEU A 119 23.21 14.83 -3.15
C LEU A 119 23.46 14.35 -4.57
N GLU A 120 23.74 13.06 -4.77
CA GLU A 120 23.86 12.53 -6.13
C GLU A 120 22.54 12.54 -6.87
N LEU A 121 21.46 12.14 -6.20
CA LEU A 121 20.12 12.17 -6.83
C LEU A 121 19.67 13.58 -7.14
N LEU A 122 19.94 14.48 -6.20
CA LEU A 122 19.60 15.89 -6.38
C LEU A 122 20.27 16.47 -7.63
N GLU A 123 21.56 16.16 -7.81
CA GLU A 123 22.29 16.61 -9.01
C GLU A 123 21.73 15.97 -10.27
N CYS A 124 21.39 14.68 -10.23
CA CYS A 124 20.77 14.03 -11.41
C CYS A 124 19.44 14.71 -11.72
N ILE A 125 18.67 14.99 -10.67
CA ILE A 125 17.39 15.70 -10.85
C ILE A 125 17.62 17.10 -11.41
N ARG A 126 18.65 17.78 -10.91
CA ARG A 126 18.95 19.11 -11.43
C ARG A 126 19.31 18.97 -12.91
N ARG A 127 20.17 18.01 -13.22
CA ARG A 127 20.55 17.79 -14.62
C ARG A 127 19.32 17.49 -15.48
N LEU A 128 18.35 16.78 -14.92
CA LEU A 128 17.16 16.45 -15.69
C LEU A 128 16.29 17.63 -15.97
N ILE A 129 16.15 18.50 -14.97
CA ILE A 129 15.34 19.69 -15.13
C ILE A 129 16.08 20.63 -16.10
N GLU A 130 17.40 20.64 -16.04
CA GLU A 130 18.17 21.53 -16.93
C GLU A 130 17.85 21.15 -18.37
N VAL A 131 17.86 19.85 -18.67
CA VAL A 131 17.50 19.35 -20.01
C VAL A 131 16.10 19.78 -20.45
N ASP A 132 15.10 19.65 -19.57
CA ASP A 132 13.72 20.03 -19.91
C ASP A 132 13.33 21.45 -19.45
N LYS A 133 14.31 22.32 -19.26
CA LYS A 133 14.04 23.66 -18.69
C LYS A 133 12.96 24.48 -19.38
N ASP A 134 12.75 24.28 -20.68
CA ASP A 134 11.72 25.02 -21.44
C ASP A 134 10.30 24.53 -21.18
N TRP A 135 10.16 23.43 -20.46
CA TRP A 135 8.84 23.01 -19.99
C TRP A 135 8.47 23.74 -18.70
N VAL A 136 9.44 24.31 -17.99
CA VAL A 136 9.13 25.06 -16.77
C VAL A 136 8.40 26.34 -17.13
N PRO A 137 7.11 26.44 -16.79
CA PRO A 137 6.37 27.64 -17.15
C PRO A 137 6.79 28.85 -16.31
N ASP A 138 6.38 30.04 -16.74
CA ASP A 138 6.74 31.28 -16.04
C ASP A 138 5.58 32.22 -15.74
N ALA A 139 4.38 31.88 -16.19
CA ALA A 139 3.18 32.63 -15.79
C ALA A 139 3.11 32.59 -14.26
N ALA A 140 2.52 33.62 -13.65
CA ALA A 140 2.42 33.71 -12.19
C ALA A 140 1.67 32.51 -11.57
N GLY A 141 2.21 32.00 -10.46
CA GLY A 141 1.62 30.82 -9.80
C GLY A 141 1.80 29.51 -10.54
N THR A 142 2.71 29.45 -11.51
CA THR A 142 2.96 28.22 -12.24
C THR A 142 4.30 27.66 -11.80
N SER A 143 4.49 26.37 -12.07
CA SER A 143 5.69 25.69 -11.64
C SER A 143 5.84 24.36 -12.35
N LEU A 144 6.93 23.67 -12.04
CA LEU A 144 7.22 22.36 -12.56
C LEU A 144 7.19 21.38 -11.39
N TYR A 145 6.30 20.39 -11.47
CA TYR A 145 6.18 19.37 -10.44
C TYR A 145 7.13 18.22 -10.76
N VAL A 146 7.98 17.89 -9.79
CA VAL A 146 8.96 16.85 -9.89
C VAL A 146 8.50 15.66 -9.04
N ARG A 147 8.42 14.49 -9.68
CA ARG A 147 7.94 13.22 -9.09
C ARG A 147 8.99 12.12 -9.16
N PRO A 148 9.85 12.03 -8.15
CA PRO A 148 10.74 10.91 -8.02
C PRO A 148 9.97 9.70 -7.45
N VAL A 149 10.33 8.50 -7.92
CA VAL A 149 9.68 7.25 -7.53
C VAL A 149 10.74 6.19 -7.35
N LEU A 150 10.63 5.39 -6.29
CA LEU A 150 11.51 4.24 -6.07
C LEU A 150 10.60 3.00 -5.83
N ILE A 151 10.84 1.95 -6.61
CA ILE A 151 10.08 0.71 -6.51
C ILE A 151 10.96 -0.53 -6.46
N GLY A 152 10.52 -1.54 -5.71
CA GLY A 152 11.18 -2.84 -5.71
C GLY A 152 10.77 -3.50 -7.01
N ASN A 153 11.59 -4.42 -7.50
CA ASN A 153 11.34 -5.03 -8.81
C ASN A 153 11.78 -6.49 -8.83
N GLU A 154 11.65 -7.17 -7.70
CA GLU A 154 12.00 -8.57 -7.58
C GLU A 154 10.94 -9.39 -8.34
N PRO A 155 11.35 -10.21 -9.31
CA PRO A 155 10.45 -11.06 -10.07
C PRO A 155 10.09 -12.34 -9.29
N SER A 156 9.47 -12.17 -8.13
CA SER A 156 9.20 -13.29 -7.22
C SER A 156 8.02 -12.96 -6.31
N LEU A 157 7.17 -13.95 -6.02
CA LEU A 157 5.99 -13.77 -5.18
C LEU A 157 6.27 -13.90 -3.67
N GLY A 158 7.53 -14.12 -3.30
CA GLY A 158 7.89 -14.12 -1.88
C GLY A 158 7.73 -12.71 -1.34
N VAL A 159 7.30 -12.57 -0.09
CA VAL A 159 7.19 -11.25 0.53
C VAL A 159 8.52 -11.08 1.25
N SER A 160 9.46 -10.38 0.62
CA SER A 160 10.82 -10.25 1.18
C SER A 160 11.60 -9.08 0.60
N GLN A 161 12.78 -8.80 1.14
CA GLN A 161 13.62 -7.70 0.65
C GLN A 161 14.01 -7.87 -0.80
N PRO A 162 13.67 -6.90 -1.66
CA PRO A 162 13.96 -7.12 -3.07
C PRO A 162 15.46 -7.02 -3.38
N THR A 163 15.89 -7.77 -4.40
CA THR A 163 17.28 -7.76 -4.86
C THR A 163 17.41 -6.92 -6.11
N ARG A 164 16.30 -6.35 -6.56
CA ARG A 164 16.27 -5.41 -7.66
C ARG A 164 15.31 -4.28 -7.36
N ALA A 165 15.69 -3.08 -7.80
CA ALA A 165 14.88 -1.89 -7.65
C ALA A 165 15.06 -0.96 -8.84
N LEU A 166 14.13 -0.02 -8.99
CA LEU A 166 14.09 0.93 -10.08
C LEU A 166 13.75 2.31 -9.51
N LEU A 167 14.62 3.29 -9.80
CA LEU A 167 14.44 4.66 -9.37
C LEU A 167 14.25 5.50 -10.61
N PHE A 168 13.14 6.23 -10.66
CA PHE A 168 12.86 7.08 -11.78
C PHE A 168 12.27 8.40 -11.34
N VAL A 169 12.36 9.40 -12.23
CA VAL A 169 11.84 10.74 -11.96
C VAL A 169 11.17 11.24 -13.22
N ILE A 170 9.96 11.75 -13.08
CA ILE A 170 9.24 12.36 -14.19
C ILE A 170 8.84 13.78 -13.77
N LEU A 171 8.46 14.59 -14.76
CA LEU A 171 8.16 16.00 -14.56
C LEU A 171 6.86 16.40 -15.24
N CYS A 172 6.10 17.28 -14.59
CA CYS A 172 4.84 17.82 -15.14
C CYS A 172 4.83 19.31 -15.03
N PRO A 173 4.58 20.03 -16.14
CA PRO A 173 4.36 21.46 -15.88
C PRO A 173 3.00 21.62 -15.19
N VAL A 174 2.87 22.48 -14.19
CA VAL A 174 1.54 22.69 -13.59
C VAL A 174 1.08 24.15 -13.64
N GLY A 175 -0.24 24.32 -13.84
CA GLY A 175 -0.85 25.64 -14.02
C GLY A 175 -1.06 26.40 -12.71
N VAL A 183 -6.09 30.03 -3.02
CA VAL A 183 -6.73 30.86 -2.00
C VAL A 183 -8.27 30.93 -2.19
N THR A 184 -8.83 29.92 -2.85
CA THR A 184 -10.29 29.73 -2.87
C THR A 184 -10.55 28.61 -1.86
N PRO A 185 -11.45 28.84 -0.91
CA PRO A 185 -11.56 27.93 0.23
C PRO A 185 -12.26 26.60 -0.04
N VAL A 186 -11.96 25.60 0.78
CA VAL A 186 -12.53 24.25 0.61
C VAL A 186 -13.32 23.76 1.83
N SER A 187 -14.24 22.84 1.58
CA SER A 187 -15.06 22.22 2.61
C SER A 187 -14.52 20.82 2.84
N LEU A 188 -14.60 20.38 4.09
CA LEU A 188 -14.05 19.10 4.50
C LEU A 188 -15.09 18.19 5.12
N LEU A 189 -15.04 16.92 4.76
CA LEU A 189 -15.79 15.89 5.48
C LEU A 189 -14.95 15.32 6.62
N ALA A 190 -15.43 15.47 7.85
CA ALA A 190 -14.80 14.89 9.02
C ALA A 190 -15.70 13.79 9.56
N ASP A 191 -15.34 12.54 9.27
CA ASP A 191 -16.08 11.39 9.79
C ASP A 191 -15.12 10.38 10.42
N PRO A 192 -15.23 10.16 11.76
CA PRO A 192 -14.32 9.24 12.44
C PRO A 192 -14.28 7.80 11.93
N ALA A 193 -15.23 7.42 11.06
CA ALA A 193 -15.21 6.09 10.44
C ALA A 193 -13.96 5.85 9.58
N PHE A 194 -13.32 6.92 9.16
CA PHE A 194 -12.22 6.82 8.21
C PHE A 194 -10.89 6.99 8.89
N ILE A 195 -10.01 6.02 8.69
CA ILE A 195 -8.66 6.11 9.27
C ILE A 195 -7.55 6.01 8.21
N ARG A 196 -6.75 7.05 8.16
CA ARG A 196 -5.71 7.16 7.15
C ARG A 196 -4.44 6.44 7.60
N ALA A 197 -4.20 6.49 8.92
CA ALA A 197 -2.97 5.99 9.51
C ALA A 197 -3.10 5.75 11.02
N TRP A 198 -2.18 4.98 11.57
N TRP A 198 -2.18 4.96 11.57
CA TRP A 198 -2.21 4.63 13.00
CA TRP A 198 -2.23 4.53 12.97
C TRP A 198 -0.83 4.64 13.60
C TRP A 198 -0.83 4.62 13.60
N VAL A 199 -0.77 4.85 14.91
CA VAL A 199 0.52 4.86 15.61
C VAL A 199 1.10 3.46 15.47
N GLY A 200 2.32 3.34 14.98
CA GLY A 200 2.89 2.02 14.71
C GLY A 200 2.61 1.52 13.29
N GLY A 201 2.05 2.40 12.44
CA GLY A 201 1.81 2.13 11.03
C GLY A 201 2.87 2.86 10.21
N VAL A 202 2.53 3.31 9.02
CA VAL A 202 3.51 3.94 8.13
C VAL A 202 2.98 5.20 7.51
N GLY A 203 2.07 5.86 8.22
CA GLY A 203 1.46 7.12 7.79
C GLY A 203 2.46 8.25 7.70
N ASN A 204 3.56 8.13 8.42
CA ASN A 204 4.62 9.14 8.40
C ASN A 204 5.66 8.95 7.30
N TYR A 205 5.43 7.99 6.39
CA TYR A 205 6.28 7.78 5.23
C TYR A 205 5.44 7.97 3.95
N LYS A 206 6.06 8.41 2.87
CA LYS A 206 5.31 8.70 1.62
C LYS A 206 5.37 7.47 0.72
N LEU A 207 4.58 6.48 1.12
CA LEU A 207 4.53 5.17 0.49
C LEU A 207 3.21 5.07 -0.24
N GLY A 208 3.25 4.54 -1.46
CA GLY A 208 2.04 4.41 -2.29
C GLY A 208 0.86 3.78 -1.56
N GLY A 209 1.12 2.77 -0.72
CA GLY A 209 0.08 2.10 0.05
C GLY A 209 -0.80 2.97 0.96
N ASN A 210 -0.32 4.16 1.33
CA ASN A 210 -1.13 5.10 2.15
C ASN A 210 -2.20 5.84 1.33
N TYR A 211 -2.10 5.84 0.00
CA TYR A 211 -2.97 6.68 -0.84
C TYR A 211 -4.13 5.94 -1.49
N GLY A 212 -3.90 4.72 -1.96
CA GLY A 212 -4.94 3.93 -2.62
C GLY A 212 -6.24 3.79 -1.84
N PRO A 213 -6.15 3.48 -0.56
CA PRO A 213 -7.37 3.36 0.22
C PRO A 213 -8.13 4.67 0.42
N THR A 214 -7.53 5.82 0.12
CA THR A 214 -8.24 7.08 0.32
C THR A 214 -9.16 7.48 -0.84
N VAL A 215 -9.04 6.80 -1.99
CA VAL A 215 -9.84 7.17 -3.17
C VAL A 215 -11.35 7.02 -2.90
N LEU A 216 -11.73 5.92 -2.27
CA LEU A 216 -13.13 5.68 -1.97
C LEU A 216 -13.62 6.69 -0.93
N VAL A 217 -12.76 7.02 0.03
CA VAL A 217 -13.15 7.99 1.05
C VAL A 217 -13.35 9.37 0.43
N GLN A 218 -12.49 9.72 -0.52
CA GLN A 218 -12.59 11.01 -1.20
C GLN A 218 -13.91 11.07 -2.00
N GLN A 219 -14.28 9.94 -2.63
CA GLN A 219 -15.59 9.85 -3.31
C GLN A 219 -16.73 10.05 -2.32
N GLU A 220 -16.55 9.57 -1.09
CA GLU A 220 -17.58 9.74 -0.07
C GLU A 220 -17.73 11.23 0.30
N ALA A 221 -16.62 11.96 0.37
CA ALA A 221 -16.65 13.42 0.62
C ALA A 221 -17.41 14.12 -0.52
N LEU A 222 -17.11 13.76 -1.76
CA LEU A 222 -17.82 14.36 -2.90
C LEU A 222 -19.32 14.05 -2.80
N LYS A 223 -19.69 12.77 -2.70
CA LYS A 223 -21.11 12.43 -2.52
C LYS A 223 -21.79 13.28 -1.42
N ARG A 224 -21.08 13.57 -0.33
CA ARG A 224 -21.68 14.35 0.74
C ARG A 224 -21.53 15.87 0.58
N GLY A 225 -21.07 16.31 -0.59
CA GLY A 225 -20.97 17.73 -0.90
C GLY A 225 -19.76 18.44 -0.32
N CYS A 226 -18.71 17.68 0.00
CA CYS A 226 -17.46 18.25 0.52
C CYS A 226 -16.35 18.03 -0.50
N GLU A 227 -15.33 18.89 -0.47
CA GLU A 227 -14.24 18.77 -1.43
C GLU A 227 -13.04 17.92 -0.98
N GLN A 228 -12.80 17.83 0.32
CA GLN A 228 -11.68 17.04 0.83
C GLN A 228 -12.09 16.33 2.10
N VAL A 229 -11.24 15.38 2.47
CA VAL A 229 -11.38 14.61 3.70
C VAL A 229 -10.50 15.20 4.81
N LEU A 230 -11.12 15.47 5.96
CA LEU A 230 -10.41 15.82 7.17
C LEU A 230 -10.25 14.51 7.92
N TRP A 231 -9.02 14.00 7.97
CA TRP A 231 -8.73 12.71 8.58
C TRP A 231 -8.63 12.81 10.09
N LEU A 232 -9.55 12.12 10.77
CA LEU A 232 -9.59 12.10 12.22
C LEU A 232 -8.97 10.83 12.76
N TYR A 233 -8.41 10.92 13.94
CA TYR A 233 -7.77 9.76 14.56
C TYR A 233 -8.03 9.72 16.05
N GLY A 234 -8.28 8.52 16.54
CA GLY A 234 -8.35 8.32 17.98
C GLY A 234 -9.70 8.62 18.60
N PRO A 235 -9.95 8.07 19.80
CA PRO A 235 -11.20 8.26 20.52
C PRO A 235 -11.57 9.73 20.66
N ASP A 236 -10.57 10.58 20.90
CA ASP A 236 -10.76 12.02 21.05
C ASP A 236 -10.80 12.84 19.71
N HIS A 237 -10.98 12.13 18.59
CA HIS A 237 -11.16 12.76 17.28
C HIS A 237 -10.17 13.88 16.98
N GLN A 238 -8.90 13.48 16.90
CA GLN A 238 -7.82 14.39 16.55
C GLN A 238 -7.85 14.71 15.07
N LEU A 239 -7.64 15.99 14.74
CA LEU A 239 -7.48 16.42 13.37
C LEU A 239 -6.05 16.12 12.94
N THR A 240 -5.88 15.22 11.98
CA THR A 240 -4.53 14.86 11.57
C THR A 240 -4.04 15.57 10.31
N GLU A 241 -4.79 15.40 9.21
CA GLU A 241 -4.38 15.85 7.87
C GLU A 241 -5.65 16.21 7.10
N VAL A 242 -5.48 16.97 6.03
CA VAL A 242 -6.58 17.35 5.15
C VAL A 242 -6.18 16.81 3.79
N GLY A 243 -6.87 15.77 3.34
CA GLY A 243 -6.55 15.13 2.06
C GLY A 243 -5.13 14.63 2.08
N THR A 244 -4.29 15.22 1.21
CA THR A 244 -2.86 14.95 1.14
C THR A 244 -2.05 16.16 1.71
N MET A 245 -2.66 16.96 2.55
CA MET A 245 -2.02 18.15 3.12
C MET A 245 -1.98 18.08 4.63
N ASN A 246 -1.02 18.78 5.20
CA ASN A 246 -0.96 18.93 6.64
C ASN A 246 -1.96 20.00 7.01
N ILE A 247 -2.45 19.93 8.26
CA ILE A 247 -3.43 20.89 8.76
C ILE A 247 -2.87 21.82 9.85
N PHE A 248 -3.29 23.08 9.78
CA PHE A 248 -2.90 24.17 10.67
C PHE A 248 -4.13 24.91 11.16
N VAL A 249 -4.10 25.33 12.42
CA VAL A 249 -5.15 26.15 13.01
C VAL A 249 -4.50 27.40 13.62
N TYR A 250 -5.08 28.55 13.28
CA TYR A 250 -4.66 29.84 13.82
C TYR A 250 -5.83 30.33 14.67
N TRP A 251 -5.59 30.40 15.98
CA TRP A 251 -6.64 30.75 16.91
C TRP A 251 -6.09 31.38 18.18
N THR A 252 -7.00 31.82 19.03
CA THR A 252 -6.68 32.17 20.40
C THR A 252 -7.00 30.91 21.19
N HIS A 253 -5.98 30.36 21.83
CA HIS A 253 -6.15 29.11 22.54
C HIS A 253 -6.87 29.36 23.88
N GLU A 254 -7.22 28.26 24.55
CA GLU A 254 -7.99 28.28 25.81
C GLU A 254 -7.31 29.04 26.94
N ASP A 255 -5.98 29.11 26.92
CA ASP A 255 -5.22 29.89 27.90
C ASP A 255 -5.17 31.37 27.50
N GLY A 256 -6.00 31.78 26.55
CA GLY A 256 -6.02 33.15 26.06
C GLY A 256 -4.87 33.57 25.16
N VAL A 257 -3.97 32.65 24.81
CA VAL A 257 -2.85 33.01 23.93
C VAL A 257 -3.13 32.71 22.44
N LEU A 258 -2.74 33.66 21.60
CA LEU A 258 -2.87 33.57 20.16
C LEU A 258 -1.81 32.62 19.66
N GLU A 259 -2.21 31.57 18.95
CA GLU A 259 -1.23 30.62 18.42
C GLU A 259 -1.58 30.02 17.09
N LEU A 260 -0.52 29.54 16.45
CA LEU A 260 -0.58 28.71 15.28
C LEU A 260 -0.20 27.33 15.78
N VAL A 261 -1.11 26.38 15.63
CA VAL A 261 -0.87 25.01 16.03
C VAL A 261 -1.05 24.07 14.83
N THR A 262 -0.21 23.04 14.78
CA THR A 262 -0.36 21.93 13.84
C THR A 262 -0.01 20.65 14.60
N PRO A 263 -0.59 19.50 14.22
CA PRO A 263 -0.26 18.24 14.91
C PRO A 263 1.22 17.81 14.89
N PRO A 264 1.70 17.25 16.00
CA PRO A 264 3.07 16.80 16.09
C PRO A 264 3.34 15.53 15.31
N LEU A 265 4.62 15.31 15.02
CA LEU A 265 5.08 14.14 14.29
C LEU A 265 5.21 12.96 15.25
N ASN A 266 4.09 12.33 15.56
CA ASN A 266 4.06 11.19 16.44
C ASN A 266 3.69 9.88 15.74
N GLY A 267 3.93 9.81 14.44
CA GLY A 267 3.70 8.58 13.69
C GLY A 267 2.56 8.63 12.67
N VAL A 268 1.51 9.39 12.95
CA VAL A 268 0.35 9.47 12.04
C VAL A 268 0.38 10.68 11.10
N ILE A 269 1.42 11.52 11.23
CA ILE A 269 1.52 12.73 10.41
C ILE A 269 2.68 12.60 9.43
N LEU A 270 2.40 12.90 8.15
CA LEU A 270 3.45 12.99 7.15
C LEU A 270 4.21 14.33 7.36
N PRO A 271 5.53 14.28 7.62
CA PRO A 271 6.27 15.54 7.83
C PRO A 271 6.44 16.34 6.55
N GLY A 272 5.48 17.22 6.29
CA GLY A 272 5.47 17.97 5.05
C GLY A 272 6.58 19.02 5.04
N VAL A 273 7.11 19.26 3.85
CA VAL A 273 8.09 20.30 3.66
C VAL A 273 7.45 21.67 3.82
N VAL A 274 6.26 21.85 3.22
CA VAL A 274 5.58 23.12 3.36
C VAL A 274 5.28 23.35 4.85
N ARG A 275 4.77 22.33 5.53
CA ARG A 275 4.49 22.38 6.95
C ARG A 275 5.72 22.86 7.75
N GLN A 276 6.86 22.22 7.54
CA GLN A 276 8.07 22.62 8.25
C GLN A 276 8.44 24.08 7.93
N SER A 277 8.19 24.50 6.69
CA SER A 277 8.55 25.83 6.27
C SER A 277 7.66 26.87 6.95
N LEU A 278 6.37 26.55 7.08
CA LEU A 278 5.42 27.44 7.72
C LEU A 278 5.78 27.59 9.22
N LEU A 279 6.11 26.47 9.89
CA LEU A 279 6.57 26.54 11.29
C LEU A 279 7.82 27.41 11.40
N ASP A 280 8.80 27.17 10.54
CA ASP A 280 10.04 27.94 10.53
C ASP A 280 9.82 29.45 10.34
N MET A 281 9.01 29.84 9.35
CA MET A 281 8.69 31.24 9.10
C MET A 281 8.00 31.90 10.29
N ALA A 282 6.97 31.24 10.81
CA ALA A 282 6.21 31.78 11.94
C ALA A 282 7.04 31.86 13.23
N GLN A 283 7.94 30.90 13.42
CA GLN A 283 8.83 30.91 14.58
C GLN A 283 9.80 32.11 14.46
N THR A 284 10.32 32.32 13.25
CA THR A 284 11.22 33.42 12.98
C THR A 284 10.60 34.78 13.30
N TRP A 285 9.35 34.99 12.90
CA TRP A 285 8.68 36.26 13.14
C TRP A 285 8.63 36.58 14.62
N GLY A 286 8.32 35.57 15.42
CA GLY A 286 8.25 35.71 16.86
C GLY A 286 7.10 36.57 17.33
N GLU A 287 6.03 36.63 16.56
CA GLU A 287 4.90 37.50 16.90
C GLU A 287 3.75 36.80 17.61
N PHE A 288 3.78 35.47 17.64
CA PHE A 288 2.73 34.72 18.33
C PHE A 288 3.26 33.33 18.64
N ARG A 289 2.50 32.58 19.42
CA ARG A 289 2.96 31.27 19.83
C ARG A 289 2.75 30.27 18.66
N VAL A 290 3.77 29.46 18.43
CA VAL A 290 3.83 28.49 17.36
C VAL A 290 4.12 27.13 17.97
N VAL A 291 3.17 26.21 17.89
CA VAL A 291 3.32 24.93 18.54
C VAL A 291 2.87 23.72 17.70
N GLU A 292 3.49 22.59 18.04
CA GLU A 292 3.09 21.30 17.57
C GLU A 292 2.34 20.64 18.71
N ARG A 293 1.04 20.45 18.51
CA ARG A 293 0.21 19.82 19.48
C ARG A 293 -0.99 19.21 18.81
N THR A 294 -1.44 18.10 19.36
CA THR A 294 -2.72 17.50 19.07
C THR A 294 -3.85 18.57 19.04
N ILE A 295 -4.79 18.38 18.11
CA ILE A 295 -5.95 19.26 17.97
C ILE A 295 -7.15 18.33 17.89
N THR A 296 -8.16 18.53 18.74
CA THR A 296 -9.33 17.65 18.77
C THR A 296 -10.55 18.33 18.21
N MET A 297 -11.55 17.58 17.76
CA MET A 297 -12.81 18.21 17.29
C MET A 297 -13.45 18.99 18.44
N LYS A 298 -13.35 18.45 19.66
CA LYS A 298 -13.94 19.10 20.84
C LYS A 298 -13.29 20.47 21.09
N GLN A 299 -11.97 20.55 21.01
CA GLN A 299 -11.33 21.84 21.13
C GLN A 299 -11.78 22.81 20.03
N LEU A 300 -12.02 22.28 18.82
CA LEU A 300 -12.35 23.13 17.69
C LEU A 300 -13.76 23.70 17.86
N LEU A 301 -14.69 22.79 18.16
CA LEU A 301 -16.08 23.14 18.37
C LEU A 301 -16.23 24.24 19.40
N ARG A 302 -15.47 24.13 20.48
CA ARG A 302 -15.56 25.10 21.56
C ARG A 302 -14.94 26.42 21.13
N ALA A 303 -13.78 26.38 20.47
CA ALA A 303 -13.16 27.59 19.99
C ALA A 303 -14.04 28.32 18.95
N LEU A 304 -14.79 27.56 18.17
CA LEU A 304 -15.69 28.14 17.17
C LEU A 304 -16.86 28.89 17.82
N GLU A 305 -17.51 28.29 18.81
CA GLU A 305 -18.62 28.99 19.47
C GLU A 305 -18.10 30.17 20.28
N GLU A 306 -16.85 30.09 20.75
CA GLU A 306 -16.25 31.21 21.48
C GLU A 306 -15.56 32.24 20.58
N GLY A 307 -15.73 32.11 19.27
CA GLY A 307 -15.18 33.05 18.30
C GLY A 307 -13.68 33.19 18.39
N ARG A 308 -13.00 32.09 18.73
CA ARG A 308 -11.53 32.13 18.89
C ARG A 308 -10.74 31.70 17.66
N VAL A 309 -11.39 31.00 16.74
CA VAL A 309 -10.72 30.52 15.52
C VAL A 309 -10.63 31.65 14.51
N ARG A 310 -9.43 31.91 14.01
CA ARG A 310 -9.25 32.89 12.94
C ARG A 310 -9.20 32.19 11.59
N GLU A 311 -8.19 31.32 11.40
CA GLU A 311 -7.98 30.64 10.13
C GLU A 311 -7.63 29.17 10.33
N VAL A 312 -8.17 28.33 9.43
CA VAL A 312 -7.80 26.93 9.32
C VAL A 312 -7.37 26.69 7.85
N PHE A 313 -6.27 25.98 7.66
CA PHE A 313 -5.76 25.74 6.34
C PHE A 313 -4.93 24.46 6.23
N GLY A 314 -4.85 23.94 5.01
CA GLY A 314 -4.03 22.79 4.71
C GLY A 314 -2.75 23.31 4.12
N SER A 315 -1.67 22.56 4.25
CA SER A 315 -0.40 22.93 3.60
C SER A 315 0.13 21.74 2.84
N GLY A 316 0.74 22.00 1.71
CA GLY A 316 1.33 20.94 0.89
C GLY A 316 1.89 21.52 -0.40
N THR A 317 2.73 20.76 -1.05
CA THR A 317 3.39 21.24 -2.25
C THR A 317 2.44 21.68 -3.35
N ALA A 318 1.38 20.92 -3.60
CA ALA A 318 0.50 21.25 -4.73
C ALA A 318 -0.29 22.54 -4.55
N CYS A 319 -0.78 22.77 -3.34
N CYS A 319 -0.79 22.78 -3.36
CA CYS A 319 -1.58 23.95 -3.04
CA CYS A 319 -1.59 23.99 -3.09
C CYS A 319 -0.72 25.08 -2.48
C CYS A 319 -0.77 25.08 -2.42
N GLN A 320 0.25 24.69 -1.64
CA GLN A 320 1.06 25.61 -0.82
C GLN A 320 0.26 25.85 0.46
N VAL A 321 -0.72 26.75 0.42
CA VAL A 321 -1.57 27.03 1.58
C VAL A 321 -3.02 27.06 1.11
N CYS A 322 -3.85 26.20 1.68
CA CYS A 322 -5.24 26.04 1.25
C CYS A 322 -6.30 26.33 2.35
N PRO A 323 -7.03 27.46 2.22
CA PRO A 323 -8.03 27.82 3.25
C PRO A 323 -9.18 26.86 3.39
N VAL A 324 -9.72 26.74 4.61
CA VAL A 324 -10.88 25.90 4.90
C VAL A 324 -12.01 26.79 5.38
N HIS A 325 -13.19 26.62 4.79
CA HIS A 325 -14.36 27.43 5.16
C HIS A 325 -15.46 26.64 5.81
N ARG A 326 -15.41 25.31 5.66
CA ARG A 326 -16.46 24.48 6.19
C ARG A 326 -15.98 23.06 6.51
N ILE A 327 -16.49 22.52 7.60
CA ILE A 327 -16.23 21.16 8.04
C ILE A 327 -17.57 20.51 8.35
N LEU A 328 -17.90 19.43 7.63
CA LEU A 328 -19.13 18.68 7.89
C LEU A 328 -18.75 17.58 8.86
N TYR A 329 -19.00 17.82 10.15
CA TYR A 329 -18.68 16.84 11.18
C TYR A 329 -19.91 15.99 11.42
N LYS A 330 -19.88 14.78 10.84
CA LYS A 330 -20.99 13.82 10.87
C LYS A 330 -22.23 14.38 10.18
N ASP A 331 -23.05 15.13 10.92
CA ASP A 331 -24.19 15.84 10.32
C ASP A 331 -24.22 17.35 10.63
N ARG A 332 -23.37 17.83 11.54
CA ARG A 332 -23.29 19.27 11.78
C ARG A 332 -22.40 19.94 10.75
N ASN A 333 -22.90 21.00 10.13
CA ASN A 333 -22.12 21.78 9.20
C ASN A 333 -21.50 22.93 9.98
N LEU A 334 -20.18 22.91 10.16
CA LEU A 334 -19.49 23.95 10.93
C LEU A 334 -18.89 24.97 9.98
N HIS A 335 -19.22 26.24 10.20
CA HIS A 335 -18.66 27.29 9.38
C HIS A 335 -17.33 27.67 9.99
N ILE A 336 -16.29 27.74 9.18
CA ILE A 336 -14.95 28.11 9.67
C ILE A 336 -14.65 29.51 9.09
N PRO A 337 -14.39 30.50 9.96
CA PRO A 337 -14.35 31.90 9.50
C PRO A 337 -13.05 32.35 8.90
N THR A 338 -12.34 31.43 8.26
CA THR A 338 -11.07 31.71 7.66
C THR A 338 -11.15 32.96 6.78
N MET A 339 -12.06 32.96 5.82
CA MET A 339 -12.13 34.06 4.88
C MET A 339 -12.63 35.38 5.49
N GLU A 340 -13.36 35.34 6.61
CA GLU A 340 -13.77 36.60 7.24
C GLU A 340 -12.62 37.20 8.04
N ASN A 341 -11.49 36.49 8.13
CA ASN A 341 -10.34 36.98 8.88
C ASN A 341 -9.15 37.32 8.01
N GLY A 342 -9.45 37.76 6.78
CA GLY A 342 -8.43 38.17 5.80
C GLY A 342 -8.45 37.37 4.51
N PRO A 343 -7.88 36.16 4.53
CA PRO A 343 -7.21 35.46 5.64
C PRO A 343 -5.78 35.96 5.83
N GLU A 344 -5.56 36.75 6.88
CA GLU A 344 -4.28 37.44 7.09
C GLU A 344 -3.03 36.57 7.10
N LEU A 345 -3.03 35.51 7.90
CA LEU A 345 -1.83 34.67 8.01
C LEU A 345 -1.58 33.89 6.70
N ILE A 346 -2.65 33.34 6.15
CA ILE A 346 -2.57 32.67 4.85
C ILE A 346 -1.94 33.56 3.80
N LEU A 347 -2.46 34.78 3.66
CA LEU A 347 -1.91 35.73 2.67
C LEU A 347 -0.45 36.05 2.96
N ARG A 348 -0.14 36.25 4.23
CA ARG A 348 1.24 36.50 4.63
C ARG A 348 2.15 35.33 4.23
N PHE A 349 1.77 34.12 4.59
CA PHE A 349 2.55 32.97 4.16
C PHE A 349 2.68 32.91 2.62
N GLN A 350 1.60 33.10 1.90
CA GLN A 350 1.66 33.00 0.43
C GLN A 350 2.62 34.04 -0.14
N LYS A 351 2.48 35.27 0.34
CA LYS A 351 3.31 36.37 -0.12
C LYS A 351 4.78 36.10 0.12
N GLU A 352 5.14 35.63 1.31
CA GLU A 352 6.56 35.34 1.61
C GLU A 352 7.09 34.15 0.84
N LEU A 353 6.30 33.09 0.75
CA LEU A 353 6.73 31.92 -0.03
C LEU A 353 6.99 32.29 -1.48
N LYS A 354 6.09 33.08 -2.05
CA LYS A 354 6.20 33.53 -3.42
C LYS A 354 7.54 34.30 -3.63
N GLU A 355 7.84 35.24 -2.74
CA GLU A 355 9.09 36.00 -2.85
C GLU A 355 10.34 35.11 -2.83
N ILE A 356 10.32 34.09 -1.98
CA ILE A 356 11.45 33.18 -1.89
C ILE A 356 11.50 32.28 -3.12
N GLN A 357 10.33 31.82 -3.55
CA GLN A 357 10.26 30.80 -4.59
C GLN A 357 10.57 31.32 -6.00
N TYR A 358 10.13 32.52 -6.30
CA TYR A 358 10.35 33.13 -7.62
C TYR A 358 11.58 34.04 -7.67
N GLY A 359 12.48 33.92 -6.69
CA GLY A 359 13.76 34.62 -6.72
C GLY A 359 13.75 36.12 -6.46
N ILE A 360 12.58 36.68 -6.13
CA ILE A 360 12.48 38.09 -5.78
C ILE A 360 13.44 38.42 -4.64
N ARG A 361 13.55 37.48 -3.70
CA ARG A 361 14.34 37.66 -2.50
C ARG A 361 15.22 36.42 -2.27
N ALA A 362 16.49 36.52 -2.66
CA ALA A 362 17.46 35.41 -2.52
C ALA A 362 17.40 34.77 -1.13
N HIS A 363 17.54 33.45 -1.10
CA HIS A 363 17.34 32.70 0.14
C HIS A 363 17.97 31.33 0.07
N GLU A 364 18.51 30.88 1.20
CA GLU A 364 19.12 29.55 1.30
C GLU A 364 18.15 28.35 1.06
N TRP A 365 16.85 28.61 0.99
CA TRP A 365 15.87 27.57 0.79
C TRP A 365 15.78 27.18 -0.69
N MET A 366 16.21 28.07 -1.57
CA MET A 366 16.17 27.80 -2.98
C MET A 366 17.49 27.20 -3.45
N PHE A 367 17.38 26.22 -4.35
CA PHE A 367 18.52 25.49 -4.91
C PHE A 367 18.50 25.80 -6.39
N PRO A 368 19.53 26.49 -6.91
CA PRO A 368 19.46 26.86 -8.32
C PRO A 368 19.67 25.69 -9.26
N VAL A 369 18.85 25.62 -10.31
CA VAL A 369 19.03 24.62 -11.35
C VAL A 369 19.94 25.17 -12.45
N SER B 6 -21.69 -1.24 -14.96
CA SER B 6 -20.43 -2.02 -15.15
C SER B 6 -20.67 -3.36 -15.87
N SER B 7 -20.09 -3.50 -17.06
CA SER B 7 -20.14 -4.75 -17.82
C SER B 7 -19.17 -5.75 -17.18
N SER B 8 -18.87 -6.82 -17.91
CA SER B 8 -17.81 -7.74 -17.50
C SER B 8 -17.21 -8.37 -18.73
N PHE B 9 -15.92 -8.69 -18.67
CA PHE B 9 -15.33 -9.49 -19.73
C PHE B 9 -16.01 -10.86 -19.75
N LYS B 10 -15.90 -11.56 -20.88
CA LYS B 10 -16.57 -12.85 -21.08
C LYS B 10 -15.57 -13.92 -21.43
N ALA B 11 -15.78 -15.11 -20.86
CA ALA B 11 -14.89 -16.23 -21.15
C ALA B 11 -15.11 -16.76 -22.56
N ALA B 12 -16.31 -16.57 -23.10
CA ALA B 12 -16.58 -17.01 -24.48
C ALA B 12 -15.67 -16.29 -25.48
N ASP B 13 -15.33 -15.03 -25.17
CA ASP B 13 -14.51 -14.19 -26.05
C ASP B 13 -13.00 -14.38 -25.86
N LEU B 14 -12.57 -15.40 -25.12
CA LEU B 14 -11.14 -15.62 -24.91
C LEU B 14 -10.36 -15.65 -26.21
N GLN B 15 -9.17 -15.07 -26.17
CA GLN B 15 -8.26 -15.09 -27.30
C GLN B 15 -7.07 -15.88 -26.84
N LEU B 16 -6.70 -16.89 -27.62
CA LEU B 16 -5.62 -17.76 -27.23
C LEU B 16 -4.45 -17.54 -28.15
N GLU B 17 -3.26 -17.57 -27.59
CA GLU B 17 -2.04 -17.46 -28.34
C GLU B 17 -1.01 -18.29 -27.64
N MET B 18 -0.67 -19.41 -28.25
CA MET B 18 0.24 -20.37 -27.65
C MET B 18 1.66 -19.90 -27.84
N THR B 19 2.52 -20.20 -26.87
CA THR B 19 3.90 -19.80 -26.93
C THR B 19 4.58 -20.45 -28.13
N GLN B 20 5.57 -19.75 -28.67
CA GLN B 20 6.26 -20.24 -29.84
C GLN B 20 7.38 -21.19 -29.41
N LYS B 21 7.92 -21.03 -28.19
CA LYS B 21 8.97 -21.93 -27.69
C LYS B 21 8.74 -22.34 -26.22
N PRO B 22 7.94 -23.39 -26.00
CA PRO B 22 7.64 -23.95 -24.67
C PRO B 22 8.85 -24.04 -23.73
N HIS B 23 8.65 -23.62 -22.47
CA HIS B 23 9.69 -23.66 -21.46
C HIS B 23 9.83 -25.05 -20.85
N LYS B 24 11.02 -25.28 -20.33
CA LYS B 24 11.41 -26.58 -19.83
C LYS B 24 10.98 -26.67 -18.36
N LYS B 25 9.99 -27.51 -18.09
CA LYS B 25 9.53 -27.72 -16.71
C LYS B 25 10.68 -28.12 -15.80
N PRO B 26 10.51 -27.92 -14.49
CA PRO B 26 11.48 -28.46 -13.55
C PRO B 26 11.25 -29.97 -13.36
N GLY B 29 11.69 -33.94 -10.71
CA GLY B 29 11.58 -33.72 -9.27
C GLY B 29 12.85 -33.15 -8.68
N GLU B 30 12.82 -31.85 -8.34
CA GLU B 30 13.98 -31.11 -7.79
C GLU B 30 13.55 -29.88 -6.94
N PRO B 31 14.49 -29.02 -6.49
CA PRO B 31 14.07 -28.02 -5.51
C PRO B 31 13.50 -26.71 -6.09
N LEU B 32 12.19 -26.52 -5.97
CA LEU B 32 11.53 -25.29 -6.40
C LEU B 32 11.40 -24.30 -5.25
N VAL B 33 11.83 -23.06 -5.46
CA VAL B 33 11.58 -21.99 -4.50
C VAL B 33 10.20 -21.41 -4.86
N PHE B 34 9.43 -21.08 -3.83
CA PHE B 34 8.08 -20.56 -4.00
C PHE B 34 8.07 -19.22 -4.74
N GLY B 35 7.19 -19.12 -5.73
CA GLY B 35 7.00 -17.90 -6.49
C GLY B 35 8.14 -17.42 -7.38
N LYS B 36 9.11 -18.28 -7.67
CA LYS B 36 10.23 -17.88 -8.53
C LYS B 36 10.18 -18.50 -9.94
N THR B 37 9.39 -19.55 -10.14
CA THR B 37 9.30 -20.24 -11.44
C THR B 37 7.90 -20.14 -11.94
N PHE B 38 7.72 -19.68 -13.17
CA PHE B 38 6.38 -19.47 -13.69
C PHE B 38 6.15 -20.33 -14.89
N THR B 39 4.89 -20.41 -15.32
CA THR B 39 4.54 -21.30 -16.39
C THR B 39 4.67 -20.56 -17.71
N ASP B 40 4.33 -21.26 -18.79
CA ASP B 40 4.41 -20.74 -20.16
C ASP B 40 3.43 -19.63 -20.44
N HIS B 41 2.26 -19.66 -19.81
CA HIS B 41 1.22 -18.70 -20.13
C HIS B 41 0.71 -17.86 -18.95
N MET B 42 -0.11 -16.87 -19.27
CA MET B 42 -0.67 -15.95 -18.30
C MET B 42 -1.95 -15.46 -18.93
N LEU B 43 -2.87 -14.98 -18.12
CA LEU B 43 -4.11 -14.43 -18.59
C LEU B 43 -3.97 -12.91 -18.46
N MET B 44 -4.67 -12.16 -19.31
CA MET B 44 -4.55 -10.71 -19.28
C MET B 44 -5.82 -10.12 -19.78
N VAL B 45 -6.36 -9.16 -19.05
CA VAL B 45 -7.53 -8.42 -19.49
C VAL B 45 -7.34 -6.93 -19.20
N GLU B 46 -7.70 -6.10 -20.17
CA GLU B 46 -7.58 -4.65 -20.05
C GLU B 46 -8.95 -4.02 -19.86
N TRP B 47 -9.00 -2.95 -19.08
CA TRP B 47 -10.25 -2.21 -18.86
C TRP B 47 -9.97 -0.73 -19.10
N ASN B 48 -10.98 -0.02 -19.60
CA ASN B 48 -10.88 1.41 -19.85
C ASN B 48 -12.27 2.01 -19.88
N ASP B 49 -12.40 3.22 -20.42
CA ASP B 49 -13.69 3.90 -20.46
C ASP B 49 -14.71 3.18 -21.35
N LYS B 50 -14.22 2.39 -22.30
CA LYS B 50 -15.08 1.51 -23.13
C LYS B 50 -15.33 0.14 -22.46
N GLY B 51 -15.08 0.05 -21.15
CA GLY B 51 -15.31 -1.19 -20.40
C GLY B 51 -14.22 -2.20 -20.59
N TRP B 52 -14.57 -3.46 -20.30
CA TRP B 52 -13.61 -4.52 -20.40
C TRP B 52 -13.37 -4.91 -21.85
N GLY B 53 -12.13 -5.20 -22.18
CA GLY B 53 -11.78 -5.78 -23.47
C GLY B 53 -11.93 -7.29 -23.38
N GLN B 54 -11.41 -7.98 -24.40
CA GLN B 54 -11.46 -9.43 -24.46
C GLN B 54 -10.35 -10.07 -23.66
N PRO B 55 -10.67 -11.11 -22.87
CA PRO B 55 -9.59 -11.77 -22.15
C PRO B 55 -8.63 -12.43 -23.11
N ARG B 56 -7.43 -12.73 -22.66
CA ARG B 56 -6.52 -13.42 -23.53
C ARG B 56 -5.45 -14.18 -22.76
N ILE B 57 -5.09 -15.35 -23.31
CA ILE B 57 -4.04 -16.17 -22.75
C ILE B 57 -2.88 -15.97 -23.69
N GLN B 58 -1.68 -15.81 -23.13
CA GLN B 58 -0.54 -15.44 -23.93
C GLN B 58 0.74 -15.89 -23.27
N PRO B 59 1.81 -15.94 -24.03
CA PRO B 59 3.03 -16.38 -23.34
C PRO B 59 3.40 -15.45 -22.17
N PHE B 60 3.81 -16.04 -21.06
CA PHE B 60 4.26 -15.27 -19.91
C PHE B 60 5.16 -14.15 -20.45
N GLN B 61 4.75 -12.90 -20.23
CA GLN B 61 5.52 -11.78 -20.78
C GLN B 61 5.41 -10.54 -19.91
N ASN B 62 6.37 -9.64 -20.07
CA ASN B 62 6.47 -8.44 -19.27
C ASN B 62 5.29 -7.49 -19.43
N LEU B 63 5.01 -6.73 -18.38
CA LEU B 63 4.03 -5.65 -18.44
C LEU B 63 4.76 -4.40 -18.96
N THR B 64 4.07 -3.62 -19.77
N THR B 64 4.08 -3.62 -19.78
CA THR B 64 4.59 -2.35 -20.24
CA THR B 64 4.60 -2.33 -20.24
C THR B 64 3.65 -1.30 -19.64
C THR B 64 3.65 -1.30 -19.64
N LEU B 65 4.18 -0.42 -18.79
CA LEU B 65 3.36 0.58 -18.07
C LEU B 65 3.88 2.00 -18.21
N HIS B 66 2.95 2.92 -18.35
CA HIS B 66 3.20 4.34 -18.31
C HIS B 66 3.80 4.66 -16.93
N PRO B 67 4.84 5.52 -16.87
CA PRO B 67 5.51 5.65 -15.58
C PRO B 67 4.74 6.42 -14.51
N ALA B 68 3.64 7.05 -14.91
CA ALA B 68 2.70 7.68 -13.99
C ALA B 68 1.60 6.72 -13.53
N SER B 69 1.72 5.45 -13.87
CA SER B 69 0.62 4.51 -13.60
C SER B 69 0.25 4.54 -12.12
N SER B 70 -1.03 4.66 -11.83
CA SER B 70 -1.49 4.72 -10.44
C SER B 70 -1.18 3.47 -9.61
N SER B 71 -0.92 2.35 -10.28
CA SER B 71 -0.56 1.11 -9.65
C SER B 71 0.77 1.22 -8.95
N LEU B 72 1.64 2.10 -9.44
CA LEU B 72 2.96 2.28 -8.89
C LEU B 72 3.12 3.52 -8.01
N HIS B 73 2.21 4.48 -8.13
CA HIS B 73 2.29 5.70 -7.33
C HIS B 73 1.43 5.63 -6.08
N TYR B 74 0.20 5.16 -6.24
CA TYR B 74 -0.78 5.13 -5.18
C TYR B 74 -1.31 3.74 -4.83
N SER B 75 -0.57 2.70 -5.17
CA SER B 75 -0.88 1.34 -4.75
C SER B 75 -2.31 0.92 -5.10
N LEU B 76 -2.76 1.26 -6.31
CA LEU B 76 -4.06 0.72 -6.78
C LEU B 76 -3.75 -0.67 -7.31
N GLN B 77 -3.65 -1.59 -6.37
CA GLN B 77 -3.25 -2.94 -6.66
C GLN B 77 -3.81 -3.88 -5.62
N LEU B 78 -4.28 -5.04 -6.08
CA LEU B 78 -4.82 -6.08 -5.22
C LEU B 78 -4.49 -7.44 -5.85
N PHE B 79 -4.39 -8.48 -5.00
CA PHE B 79 -4.10 -9.85 -5.48
C PHE B 79 -4.89 -10.97 -4.77
N GLU B 80 -4.79 -12.15 -5.35
CA GLU B 80 -5.34 -13.36 -4.77
C GLU B 80 -4.30 -14.45 -4.83
N GLY B 81 -4.55 -15.48 -4.05
CA GLY B 81 -3.66 -16.61 -3.90
C GLY B 81 -4.53 -17.81 -3.70
N MET B 82 -4.37 -18.80 -4.57
CA MET B 82 -5.13 -20.05 -4.43
C MET B 82 -4.40 -21.15 -5.13
N LYS B 83 -4.77 -22.38 -4.79
CA LYS B 83 -4.06 -23.55 -5.29
C LYS B 83 -4.90 -24.53 -6.11
N ALA B 84 -4.19 -25.21 -7.01
CA ALA B 84 -4.76 -26.22 -7.86
C ALA B 84 -3.94 -27.46 -7.59
N PHE B 85 -4.61 -28.60 -7.46
CA PHE B 85 -3.97 -29.84 -7.10
C PHE B 85 -4.24 -30.90 -8.16
N LYS B 86 -3.22 -31.67 -8.52
CA LYS B 86 -3.35 -32.72 -9.52
C LYS B 86 -3.52 -34.05 -8.79
N GLY B 87 -4.69 -34.67 -8.95
CA GLY B 87 -4.97 -35.96 -8.31
C GLY B 87 -4.31 -37.11 -9.05
N LYS B 88 -4.29 -38.28 -8.42
CA LYS B 88 -3.72 -39.50 -9.02
C LYS B 88 -4.21 -39.71 -10.44
N ASP B 89 -5.52 -39.56 -10.62
CA ASP B 89 -6.16 -39.67 -11.92
C ASP B 89 -5.79 -38.57 -12.92
N GLN B 90 -4.65 -37.89 -12.70
CA GLN B 90 -4.19 -36.76 -13.54
C GLN B 90 -5.20 -35.60 -13.74
N GLN B 91 -6.30 -35.62 -13.00
CA GLN B 91 -7.30 -34.56 -13.02
C GLN B 91 -6.78 -33.44 -12.09
N VAL B 92 -7.04 -32.19 -12.45
CA VAL B 92 -6.59 -31.04 -11.63
C VAL B 92 -7.79 -30.32 -11.03
N ARG B 93 -7.68 -29.93 -9.76
CA ARG B 93 -8.79 -29.31 -9.04
C ARG B 93 -8.39 -28.06 -8.28
N LEU B 94 -9.26 -27.07 -8.34
CA LEU B 94 -9.07 -25.84 -7.59
C LEU B 94 -9.80 -25.97 -6.27
N PHE B 95 -9.15 -25.56 -5.19
CA PHE B 95 -9.78 -25.57 -3.88
C PHE B 95 -10.56 -24.29 -3.58
N ARG B 96 -11.88 -24.46 -3.40
CA ARG B 96 -12.83 -23.40 -3.07
C ARG B 96 -12.56 -22.05 -3.77
N PRO B 97 -12.34 -22.07 -5.10
CA PRO B 97 -12.01 -20.85 -5.84
C PRO B 97 -13.04 -19.74 -5.74
N TRP B 98 -14.30 -20.11 -5.56
CA TRP B 98 -15.38 -19.12 -5.45
C TRP B 98 -15.11 -18.09 -4.32
N LEU B 99 -14.50 -18.54 -3.23
CA LEU B 99 -14.24 -17.65 -2.12
C LEU B 99 -13.15 -16.63 -2.44
N ASN B 100 -12.18 -17.04 -3.25
CA ASN B 100 -11.12 -16.16 -3.68
C ASN B 100 -11.65 -15.10 -4.64
N MET B 101 -12.56 -15.50 -5.51
CA MET B 101 -13.21 -14.56 -6.41
C MET B 101 -14.05 -13.58 -5.60
N ASP B 102 -14.78 -14.08 -4.60
CA ASP B 102 -15.57 -13.23 -3.71
C ASP B 102 -14.71 -12.12 -3.08
N ARG B 103 -13.61 -12.53 -2.48
CA ARG B 103 -12.69 -11.61 -1.80
C ARG B 103 -12.00 -10.62 -2.77
N MET B 104 -11.64 -11.12 -3.96
CA MET B 104 -11.02 -10.30 -4.98
C MET B 104 -11.95 -9.16 -5.37
N LEU B 105 -13.23 -9.46 -5.51
CA LEU B 105 -14.19 -8.44 -5.89
C LEU B 105 -14.38 -7.44 -4.77
N ARG B 106 -14.44 -7.89 -3.52
CA ARG B 106 -14.53 -6.93 -2.42
C ARG B 106 -13.28 -6.03 -2.39
N SER B 107 -12.11 -6.58 -2.69
CA SER B 107 -10.89 -5.83 -2.69
C SER B 107 -10.97 -4.78 -3.82
N ALA B 108 -11.51 -5.19 -4.97
CA ALA B 108 -11.63 -4.31 -6.13
C ALA B 108 -12.49 -3.16 -5.78
N MET B 109 -13.61 -3.42 -5.11
CA MET B 109 -14.51 -2.34 -4.74
C MET B 109 -13.86 -1.36 -3.74
N ARG B 110 -13.04 -1.87 -2.82
CA ARG B 110 -12.46 -1.00 -1.78
C ARG B 110 -11.51 0.03 -2.41
N LEU B 111 -10.86 -0.38 -3.48
CA LEU B 111 -9.93 0.48 -4.21
C LEU B 111 -10.52 1.10 -5.47
N CYS B 112 -11.84 1.16 -5.56
CA CYS B 112 -12.50 1.82 -6.72
C CYS B 112 -11.98 1.29 -8.07
N LEU B 113 -11.66 0.01 -8.11
CA LEU B 113 -11.22 -0.64 -9.30
C LEU B 113 -12.46 -1.26 -9.92
N PRO B 114 -12.40 -1.59 -11.21
CA PRO B 114 -13.61 -2.03 -11.92
C PRO B 114 -14.12 -3.39 -11.54
N SER B 115 -15.43 -3.45 -11.35
CA SER B 115 -16.13 -4.69 -11.11
C SER B 115 -15.98 -5.65 -12.28
N PHE B 116 -16.16 -6.94 -11.99
CA PHE B 116 -16.09 -8.02 -12.97
C PHE B 116 -16.95 -9.18 -12.51
N ASP B 117 -17.19 -10.15 -13.39
CA ASP B 117 -18.03 -11.32 -13.05
C ASP B 117 -17.13 -12.43 -12.53
N LYS B 118 -17.43 -12.87 -11.32
CA LYS B 118 -16.61 -13.83 -10.59
C LYS B 118 -16.47 -15.17 -11.32
N LEU B 119 -17.58 -15.60 -11.92
CA LEU B 119 -17.63 -16.84 -12.72
C LEU B 119 -16.91 -16.74 -14.06
N GLU B 120 -16.90 -15.56 -14.69
CA GLU B 120 -16.15 -15.41 -15.94
C GLU B 120 -14.67 -15.49 -15.62
N LEU B 121 -14.27 -14.80 -14.55
CA LEU B 121 -12.86 -14.83 -14.19
C LEU B 121 -12.43 -16.26 -13.87
N LEU B 122 -13.26 -16.96 -13.13
CA LEU B 122 -12.97 -18.36 -12.76
C LEU B 122 -12.90 -19.23 -14.01
N GLU B 123 -13.83 -19.03 -14.94
CA GLU B 123 -13.79 -19.81 -16.18
C GLU B 123 -12.48 -19.52 -16.92
N CYS B 124 -12.10 -18.22 -17.00
CA CYS B 124 -10.83 -17.85 -17.65
C CYS B 124 -9.66 -18.48 -16.95
N ILE B 125 -9.71 -18.50 -15.62
CA ILE B 125 -8.63 -19.13 -14.88
C ILE B 125 -8.57 -20.63 -15.14
N ARG B 126 -9.73 -21.27 -15.19
CA ARG B 126 -9.81 -22.70 -15.54
C ARG B 126 -9.19 -22.90 -16.91
N ARG B 127 -9.62 -22.10 -17.88
CA ARG B 127 -9.08 -22.21 -19.24
C ARG B 127 -7.57 -22.08 -19.23
N LEU B 128 -7.06 -21.12 -18.46
CA LEU B 128 -5.62 -20.90 -18.38
C LEU B 128 -4.89 -22.08 -17.79
N ILE B 129 -5.47 -22.67 -16.74
CA ILE B 129 -4.81 -23.81 -16.11
C ILE B 129 -4.84 -25.03 -17.05
N GLU B 130 -5.92 -25.17 -17.80
CA GLU B 130 -6.08 -26.24 -18.79
C GLU B 130 -4.91 -26.15 -19.76
N VAL B 131 -4.72 -24.96 -20.32
CA VAL B 131 -3.61 -24.72 -21.25
C VAL B 131 -2.27 -25.11 -20.63
N ASP B 132 -2.06 -24.84 -19.35
CA ASP B 132 -0.81 -25.25 -18.70
C ASP B 132 -0.97 -26.42 -17.74
N LYS B 133 -1.98 -27.27 -17.98
CA LYS B 133 -2.19 -28.50 -17.20
C LYS B 133 -0.92 -29.18 -16.79
N ASP B 134 -0.01 -29.35 -17.74
CA ASP B 134 1.22 -30.12 -17.52
C ASP B 134 2.21 -29.49 -16.58
N TRP B 135 2.05 -28.20 -16.27
CA TRP B 135 2.92 -27.55 -15.29
C TRP B 135 2.54 -27.93 -13.86
N VAL B 136 1.28 -28.33 -13.70
CA VAL B 136 0.78 -28.74 -12.39
C VAL B 136 1.44 -30.05 -12.04
N PRO B 137 2.29 -30.04 -11.02
CA PRO B 137 2.97 -31.23 -10.62
C PRO B 137 2.05 -32.17 -9.85
N ASP B 138 2.55 -33.38 -9.57
CA ASP B 138 1.74 -34.37 -8.86
C ASP B 138 2.49 -35.17 -7.82
N ALA B 139 3.74 -34.81 -7.57
CA ALA B 139 4.49 -35.43 -6.49
C ALA B 139 3.78 -35.09 -5.20
N ALA B 140 3.86 -35.99 -4.22
CA ALA B 140 3.16 -35.81 -2.97
C ALA B 140 3.39 -34.40 -2.39
N GLY B 141 2.31 -33.71 -2.06
CA GLY B 141 2.41 -32.41 -1.40
C GLY B 141 2.76 -31.23 -2.29
N THR B 142 2.57 -31.38 -3.60
CA THR B 142 2.86 -30.33 -4.56
C THR B 142 1.55 -29.80 -5.16
N SER B 143 1.65 -28.61 -5.74
CA SER B 143 0.50 -27.93 -6.27
C SER B 143 0.87 -26.79 -7.22
N LEU B 144 -0.15 -26.24 -7.85
CA LEU B 144 0.04 -25.09 -8.70
C LEU B 144 -0.53 -23.88 -7.97
N TYR B 145 0.32 -22.87 -7.72
CA TYR B 145 -0.11 -21.59 -7.10
C TYR B 145 -0.60 -20.68 -8.22
N VAL B 146 -1.80 -20.14 -8.03
CA VAL B 146 -2.47 -19.25 -8.95
C VAL B 146 -2.50 -17.85 -8.32
N ARG B 147 -1.98 -16.85 -9.04
CA ARG B 147 -1.84 -15.45 -8.56
C ARG B 147 -2.54 -14.50 -9.51
N PRO B 148 -3.85 -14.29 -9.31
CA PRO B 148 -4.57 -13.25 -9.98
C PRO B 148 -4.18 -11.88 -9.38
N VAL B 149 -4.21 -10.82 -10.21
CA VAL B 149 -3.85 -9.46 -9.82
C VAL B 149 -4.75 -8.52 -10.59
N LEU B 150 -5.14 -7.43 -9.95
CA LEU B 150 -5.83 -6.36 -10.59
C LEU B 150 -5.14 -5.09 -10.15
N ILE B 151 -4.64 -4.32 -11.11
CA ILE B 151 -4.02 -3.04 -10.85
C ILE B 151 -4.65 -1.89 -11.61
N GLY B 152 -4.68 -0.70 -10.97
CA GLY B 152 -5.08 0.54 -11.62
C GLY B 152 -4.00 0.91 -12.62
N ASN B 153 -4.32 1.76 -13.58
CA ASN B 153 -3.35 2.10 -14.62
C ASN B 153 -3.70 3.44 -15.26
N GLU B 154 -4.05 4.42 -14.42
CA GLU B 154 -4.33 5.77 -14.90
C GLU B 154 -2.97 6.41 -15.12
N PRO B 155 -2.72 6.94 -16.33
CA PRO B 155 -1.44 7.58 -16.51
C PRO B 155 -1.48 9.05 -16.01
N SER B 156 -1.77 9.25 -14.73
CA SER B 156 -1.80 10.62 -14.19
C SER B 156 -1.55 10.62 -12.71
N LEU B 157 -1.08 11.75 -12.20
CA LEU B 157 -0.66 11.83 -10.82
C LEU B 157 -1.76 12.22 -9.82
N GLY B 158 -2.98 12.41 -10.31
CA GLY B 158 -4.10 12.70 -9.42
C GLY B 158 -4.42 11.43 -8.67
N VAL B 159 -4.73 11.58 -7.38
CA VAL B 159 -5.09 10.45 -6.56
C VAL B 159 -6.58 10.30 -6.78
N SER B 160 -6.98 9.44 -7.71
CA SER B 160 -8.40 9.35 -8.04
C SER B 160 -8.79 7.99 -8.60
N GLN B 161 -10.09 7.83 -8.84
CA GLN B 161 -10.59 6.57 -9.37
C GLN B 161 -10.09 6.44 -10.80
N PRO B 162 -9.36 5.36 -11.08
CA PRO B 162 -8.76 5.17 -12.38
C PRO B 162 -9.79 4.87 -13.46
N THR B 163 -9.43 5.23 -14.68
CA THR B 163 -10.24 5.04 -15.86
C THR B 163 -9.63 3.97 -16.73
N ARG B 164 -8.53 3.36 -16.25
CA ARG B 164 -7.89 2.22 -16.89
C ARG B 164 -7.39 1.22 -15.85
N ALA B 165 -7.40 -0.05 -16.23
CA ALA B 165 -6.98 -1.10 -15.33
C ALA B 165 -6.60 -2.36 -16.07
N LEU B 166 -5.68 -3.14 -15.48
CA LEU B 166 -5.24 -4.42 -15.99
C LEU B 166 -5.55 -5.51 -14.97
N LEU B 167 -6.10 -6.62 -15.45
CA LEU B 167 -6.32 -7.81 -14.65
C LEU B 167 -5.50 -8.90 -15.30
N PHE B 168 -4.57 -9.50 -14.55
CA PHE B 168 -3.78 -10.57 -15.08
C PHE B 168 -3.60 -11.68 -14.05
N VAL B 169 -3.13 -12.83 -14.52
CA VAL B 169 -2.99 -14.04 -13.71
C VAL B 169 -1.80 -14.81 -14.20
N ILE B 170 -0.91 -15.13 -13.26
CA ILE B 170 0.27 -15.94 -13.51
C ILE B 170 0.20 -17.19 -12.61
N LEU B 171 0.98 -18.22 -12.97
CA LEU B 171 0.96 -19.48 -12.27
C LEU B 171 2.37 -19.94 -11.92
N CYS B 172 2.53 -20.49 -10.71
CA CYS B 172 3.79 -21.03 -10.25
C CYS B 172 3.57 -22.46 -9.82
N PRO B 173 4.37 -23.41 -10.34
CA PRO B 173 4.34 -24.73 -9.71
C PRO B 173 5.08 -24.64 -8.39
N VAL B 174 4.63 -25.36 -7.36
CA VAL B 174 5.29 -25.31 -6.06
C VAL B 174 5.35 -26.70 -5.43
N GLY B 175 6.31 -26.86 -4.51
CA GLY B 175 6.43 -28.07 -3.67
C GLY B 175 5.86 -27.75 -2.30
N ALA B 176 6.58 -28.13 -1.25
CA ALA B 176 6.24 -27.75 0.15
C ALA B 176 7.15 -28.46 1.15
N GLY B 181 5.94 -35.49 4.86
CA GLY B 181 4.90 -34.81 5.64
C GLY B 181 5.34 -34.56 7.07
N SER B 182 6.47 -33.87 7.22
CA SER B 182 7.07 -33.59 8.53
C SER B 182 6.79 -32.15 8.96
N VAL B 183 5.50 -31.84 9.14
CA VAL B 183 5.02 -30.51 9.56
C VAL B 183 6.00 -29.85 10.56
N THR B 184 6.72 -28.83 10.09
CA THR B 184 7.76 -28.16 10.90
C THR B 184 7.22 -26.92 11.61
N PRO B 185 7.33 -26.88 12.94
CA PRO B 185 6.84 -25.75 13.72
C PRO B 185 7.74 -24.50 13.62
N VAL B 186 7.16 -23.32 13.84
CA VAL B 186 7.90 -22.06 13.77
C VAL B 186 7.88 -21.31 15.07
N SER B 187 8.80 -20.37 15.21
CA SER B 187 8.83 -19.47 16.35
C SER B 187 8.40 -18.12 15.83
N LEU B 188 7.81 -17.34 16.72
CA LEU B 188 7.22 -16.08 16.39
C LEU B 188 7.76 -14.99 17.30
N LEU B 189 7.98 -13.81 16.73
CA LEU B 189 8.28 -12.59 17.48
C LEU B 189 6.96 -11.87 17.69
N ALA B 190 6.61 -11.61 18.95
CA ALA B 190 5.40 -10.89 19.30
C ALA B 190 5.80 -9.59 19.96
N ASP B 191 5.82 -8.51 19.18
CA ASP B 191 6.22 -7.18 19.64
C ASP B 191 5.13 -6.14 19.30
N PRO B 192 4.52 -5.55 20.33
CA PRO B 192 3.40 -4.64 20.12
C PRO B 192 3.70 -3.34 19.38
N ALA B 193 4.96 -2.95 19.24
CA ALA B 193 5.33 -1.77 18.46
C ALA B 193 4.92 -1.85 16.97
N PHE B 194 4.79 -3.06 16.44
CA PHE B 194 4.47 -3.26 15.01
C PHE B 194 2.99 -3.56 14.81
N ILE B 195 2.28 -2.68 14.11
CA ILE B 195 0.83 -2.81 13.92
C ILE B 195 0.48 -3.00 12.42
N ARG B 196 0.04 -4.22 12.10
CA ARG B 196 -0.26 -4.66 10.73
C ARG B 196 -1.50 -4.02 10.12
N ALA B 197 -2.47 -3.68 10.97
CA ALA B 197 -3.80 -3.27 10.54
C ALA B 197 -4.58 -2.70 11.71
N TRP B 198 -5.56 -1.86 11.39
N TRP B 198 -5.55 -1.86 11.39
CA TRP B 198 -6.29 -1.09 12.39
CA TRP B 198 -6.35 -1.19 12.41
C TRP B 198 -7.77 -1.11 12.01
C TRP B 198 -7.79 -1.17 12.01
N VAL B 199 -8.65 -1.06 13.01
CA VAL B 199 -10.09 -1.02 12.78
C VAL B 199 -10.45 0.21 11.97
N GLY B 200 -11.23 0.01 10.91
CA GLY B 200 -11.55 1.10 9.99
C GLY B 200 -10.50 1.23 8.90
N GLY B 201 -9.48 0.36 8.92
CA GLY B 201 -8.43 0.36 7.91
C GLY B 201 -8.78 -0.61 6.79
N VAL B 202 -7.77 -1.20 6.17
CA VAL B 202 -7.96 -2.11 5.04
C VAL B 202 -7.25 -3.44 5.21
N GLY B 203 -7.01 -3.81 6.46
CA GLY B 203 -6.34 -5.07 6.79
C GLY B 203 -7.13 -6.32 6.42
N ASN B 204 -8.44 -6.18 6.33
CA ASN B 204 -9.30 -7.28 5.90
C ASN B 204 -9.48 -7.41 4.38
N TYR B 205 -8.70 -6.67 3.60
CA TYR B 205 -8.70 -6.83 2.14
C TYR B 205 -7.30 -7.25 1.73
N LYS B 206 -7.20 -7.93 0.60
CA LYS B 206 -5.91 -8.45 0.16
C LYS B 206 -5.28 -7.45 -0.81
N LEU B 207 -4.88 -6.33 -0.24
CA LEU B 207 -4.29 -5.24 -0.99
C LEU B 207 -2.80 -5.29 -0.78
N GLY B 208 -2.05 -5.05 -1.87
CA GLY B 208 -0.59 -4.98 -1.82
C GLY B 208 -0.04 -4.05 -0.76
N GLY B 209 -0.71 -2.91 -0.55
CA GLY B 209 -0.27 -1.96 0.49
C GLY B 209 -0.15 -2.49 1.92
N ASN B 210 -0.79 -3.62 2.22
CA ASN B 210 -0.74 -4.23 3.53
C ASN B 210 0.53 -5.03 3.76
N TYR B 211 1.25 -5.33 2.67
CA TYR B 211 2.37 -6.26 2.72
C TYR B 211 3.77 -5.64 2.68
N GLY B 212 3.97 -4.63 1.86
CA GLY B 212 5.25 -3.92 1.82
C GLY B 212 5.81 -3.53 3.18
N PRO B 213 4.97 -2.94 4.04
CA PRO B 213 5.44 -2.53 5.38
C PRO B 213 5.88 -3.63 6.32
N THR B 214 5.46 -4.87 6.06
CA THR B 214 5.80 -6.01 6.89
C THR B 214 7.19 -6.59 6.60
N VAL B 215 7.78 -6.24 5.45
CA VAL B 215 9.09 -6.79 5.11
C VAL B 215 10.15 -6.45 6.18
N LEU B 216 10.19 -5.19 6.61
CA LEU B 216 11.16 -4.77 7.65
C LEU B 216 10.84 -5.46 8.97
N VAL B 217 9.56 -5.66 9.23
CA VAL B 217 9.18 -6.29 10.48
C VAL B 217 9.64 -7.74 10.49
N GLN B 218 9.43 -8.44 9.39
CA GLN B 218 9.90 -9.81 9.26
C GLN B 218 11.45 -9.89 9.39
N GLN B 219 12.18 -8.89 8.92
CA GLN B 219 13.64 -8.87 9.10
C GLN B 219 14.01 -8.75 10.57
N GLU B 220 13.28 -7.94 11.32
CA GLU B 220 13.56 -7.80 12.74
C GLU B 220 13.33 -9.15 13.44
N ALA B 221 12.26 -9.84 13.08
CA ALA B 221 11.98 -11.15 13.65
C ALA B 221 13.13 -12.13 13.37
N LEU B 222 13.68 -12.13 12.15
CA LEU B 222 14.86 -12.96 11.84
C LEU B 222 16.10 -12.55 12.68
N LYS B 223 16.46 -11.28 12.71
CA LYS B 223 17.57 -10.82 13.56
C LYS B 223 17.40 -11.23 15.02
N ARG B 224 16.16 -11.36 15.47
CA ARG B 224 15.91 -11.74 16.86
C ARG B 224 15.69 -13.24 17.07
N GLY B 225 15.95 -14.04 16.04
CA GLY B 225 15.90 -15.49 16.18
C GLY B 225 14.56 -16.14 15.99
N CYS B 226 13.59 -15.41 15.44
CA CYS B 226 12.28 -15.96 15.16
C CYS B 226 12.10 -16.08 13.66
N GLU B 227 11.12 -16.89 13.27
CA GLU B 227 10.86 -17.17 11.88
C GLU B 227 9.68 -16.41 11.30
N GLN B 228 8.75 -15.96 12.13
CA GLN B 228 7.56 -15.24 11.67
C GLN B 228 7.13 -14.18 12.70
N VAL B 229 6.22 -13.33 12.27
CA VAL B 229 5.70 -12.29 13.13
C VAL B 229 4.31 -12.67 13.60
N LEU B 230 4.10 -12.58 14.91
CA LEU B 230 2.78 -12.68 15.51
C LEU B 230 2.35 -11.24 15.70
N TRP B 231 1.30 -10.85 14.98
CA TRP B 231 0.83 -9.47 14.95
C TRP B 231 -0.13 -9.25 16.10
N LEU B 232 0.20 -8.34 16.99
CA LEU B 232 -0.65 -8.08 18.12
C LEU B 232 -1.44 -6.82 17.85
N TYR B 233 -2.64 -6.73 18.42
CA TYR B 233 -3.45 -5.54 18.26
C TYR B 233 -4.09 -5.15 19.59
N GLY B 234 -4.14 -3.86 19.84
CA GLY B 234 -4.83 -3.31 20.98
C GLY B 234 -3.97 -3.24 22.22
N PRO B 235 -4.43 -2.47 23.21
CA PRO B 235 -3.71 -2.33 24.48
C PRO B 235 -3.79 -3.63 25.29
N ASP B 236 -4.77 -4.49 24.97
CA ASP B 236 -4.83 -5.84 25.55
C ASP B 236 -4.07 -6.89 24.72
N HIS B 237 -3.24 -6.43 23.79
CA HIS B 237 -2.43 -7.33 22.95
C HIS B 237 -3.15 -8.55 22.46
N GLN B 238 -4.06 -8.35 21.52
CA GLN B 238 -4.80 -9.44 20.90
C GLN B 238 -3.96 -10.11 19.83
N LEU B 239 -4.10 -11.43 19.72
CA LEU B 239 -3.41 -12.18 18.69
C LEU B 239 -4.31 -12.09 17.46
N THR B 240 -3.81 -11.49 16.39
CA THR B 240 -4.62 -11.31 15.18
C THR B 240 -4.25 -12.30 14.08
N GLU B 241 -2.99 -12.31 13.67
CA GLU B 241 -2.50 -13.11 12.55
C GLU B 241 -1.04 -13.49 12.77
N VAL B 242 -0.58 -14.50 12.04
CA VAL B 242 0.80 -14.94 12.02
C VAL B 242 1.38 -14.79 10.62
N GLY B 243 2.28 -13.82 10.47
CA GLY B 243 2.87 -13.52 9.18
C GLY B 243 1.74 -13.17 8.25
N THR B 244 1.61 -13.98 7.20
CA THR B 244 0.54 -13.87 6.24
C THR B 244 -0.53 -14.97 6.47
N MET B 245 -0.66 -15.47 7.70
CA MET B 245 -1.59 -16.57 8.00
C MET B 245 -2.57 -16.20 9.11
N ASN B 246 -3.75 -16.83 9.12
CA ASN B 246 -4.67 -16.66 10.23
C ASN B 246 -4.19 -17.54 11.37
N ILE B 247 -4.58 -17.21 12.59
CA ILE B 247 -4.13 -17.94 13.76
C ILE B 247 -5.27 -18.66 14.47
N PHE B 248 -4.99 -19.90 14.88
CA PHE B 248 -5.90 -20.72 15.65
C PHE B 248 -5.26 -21.19 16.94
N VAL B 249 -6.07 -21.28 17.99
CA VAL B 249 -5.64 -21.88 19.28
C VAL B 249 -6.60 -23.03 19.65
N TYR B 250 -6.01 -24.18 19.94
CA TYR B 250 -6.74 -25.36 20.41
C TYR B 250 -6.36 -25.49 21.89
N TRP B 251 -7.34 -25.30 22.76
CA TRP B 251 -7.10 -25.32 24.20
C TRP B 251 -8.35 -25.70 24.98
N THR B 252 -8.18 -25.86 26.30
CA THR B 252 -9.30 -25.99 27.22
C THR B 252 -9.47 -24.58 27.72
N HIS B 253 -10.65 -24.01 27.50
CA HIS B 253 -10.89 -22.58 27.83
C HIS B 253 -11.09 -22.36 29.34
N GLU B 254 -10.93 -21.11 29.76
CA GLU B 254 -11.16 -20.70 31.15
C GLU B 254 -12.40 -21.32 31.82
N ASP B 255 -13.42 -21.66 31.02
CA ASP B 255 -14.64 -22.27 31.54
C ASP B 255 -14.61 -23.81 31.56
N GLY B 256 -13.44 -24.40 31.32
CA GLY B 256 -13.28 -25.86 31.36
C GLY B 256 -13.67 -26.62 30.10
N VAL B 257 -14.15 -25.92 29.07
CA VAL B 257 -14.57 -26.58 27.83
C VAL B 257 -13.48 -26.58 26.74
N LEU B 258 -13.24 -27.75 26.17
CA LEU B 258 -12.27 -27.91 25.08
C LEU B 258 -12.78 -27.13 23.88
N GLU B 259 -11.94 -26.28 23.31
CA GLU B 259 -12.35 -25.54 22.12
C GLU B 259 -11.27 -25.21 21.11
N LEU B 260 -11.73 -24.90 19.90
CA LEU B 260 -10.89 -24.35 18.85
C LEU B 260 -11.36 -22.92 18.65
N VAL B 261 -10.45 -21.98 18.91
CA VAL B 261 -10.77 -20.55 18.80
C VAL B 261 -9.88 -19.85 17.76
N THR B 262 -10.45 -18.89 17.05
CA THR B 262 -9.73 -18.02 16.12
C THR B 262 -10.35 -16.63 16.23
N PRO B 263 -9.55 -15.55 16.04
CA PRO B 263 -10.15 -14.24 16.18
C PRO B 263 -11.27 -13.99 15.17
N PRO B 264 -12.31 -13.22 15.57
CA PRO B 264 -13.42 -12.91 14.69
C PRO B 264 -13.04 -11.84 13.67
N LEU B 265 -13.84 -11.75 12.62
CA LEU B 265 -13.60 -10.84 11.52
C LEU B 265 -14.10 -9.45 11.87
N ASN B 266 -13.38 -8.77 12.75
CA ASN B 266 -13.77 -7.46 13.22
C ASN B 266 -13.12 -6.33 12.44
N GLY B 267 -12.41 -6.65 11.35
CA GLY B 267 -11.80 -5.61 10.53
C GLY B 267 -10.29 -5.62 10.43
N VAL B 268 -9.60 -6.25 11.38
CA VAL B 268 -8.15 -6.34 11.33
C VAL B 268 -7.70 -7.72 10.87
N ILE B 269 -8.66 -8.60 10.61
CA ILE B 269 -8.35 -9.97 10.19
C ILE B 269 -8.69 -10.15 8.73
N LEU B 270 -7.77 -10.76 7.99
CA LEU B 270 -8.01 -11.17 6.61
C LEU B 270 -8.82 -12.47 6.62
N PRO B 271 -10.01 -12.49 6.00
CA PRO B 271 -10.78 -13.73 6.04
C PRO B 271 -10.20 -14.81 5.16
N GLY B 272 -9.37 -15.67 5.72
CA GLY B 272 -8.73 -16.75 4.98
C GLY B 272 -9.69 -17.84 4.53
N VAL B 273 -9.36 -18.41 3.38
CA VAL B 273 -10.11 -19.52 2.82
C VAL B 273 -9.78 -20.79 3.61
N VAL B 274 -8.51 -20.98 3.94
CA VAL B 274 -8.16 -22.10 4.79
C VAL B 274 -8.83 -21.91 6.14
N ARG B 275 -8.71 -20.73 6.75
CA ARG B 275 -9.40 -20.41 8.02
C ARG B 275 -10.88 -20.85 8.08
N GLN B 276 -11.62 -20.47 7.05
CA GLN B 276 -13.04 -20.74 7.00
C GLN B 276 -13.25 -22.26 6.90
N SER B 277 -12.46 -22.88 6.05
CA SER B 277 -12.52 -24.30 5.84
C SER B 277 -12.21 -25.08 7.11
N LEU B 278 -11.29 -24.59 7.92
CA LEU B 278 -10.96 -25.27 9.18
C LEU B 278 -12.15 -25.14 10.14
N LEU B 279 -12.75 -23.94 10.21
CA LEU B 279 -13.94 -23.73 11.01
C LEU B 279 -15.06 -24.66 10.52
N ASP B 280 -15.31 -24.70 9.21
CA ASP B 280 -16.36 -25.57 8.64
C ASP B 280 -16.16 -27.05 9.05
N MET B 281 -14.96 -27.57 8.80
CA MET B 281 -14.58 -28.93 9.17
C MET B 281 -14.80 -29.23 10.64
N ALA B 282 -14.30 -28.37 11.51
CA ALA B 282 -14.42 -28.60 12.93
C ALA B 282 -15.88 -28.58 13.36
N GLN B 283 -16.65 -27.64 12.83
CA GLN B 283 -18.08 -27.57 13.15
C GLN B 283 -18.77 -28.87 12.73
N THR B 284 -18.49 -29.35 11.52
CA THR B 284 -19.07 -30.58 11.01
C THR B 284 -18.82 -31.79 11.91
N TRP B 285 -17.62 -31.89 12.47
CA TRP B 285 -17.30 -33.02 13.33
C TRP B 285 -18.11 -32.99 14.61
N GLY B 286 -18.53 -31.83 15.04
CA GLY B 286 -19.36 -31.72 16.22
C GLY B 286 -18.73 -32.27 17.49
N GLU B 287 -17.40 -32.36 17.56
CA GLU B 287 -16.75 -32.99 18.70
C GLU B 287 -16.24 -32.07 19.76
N PHE B 288 -16.09 -30.79 19.46
CA PHE B 288 -15.70 -29.80 20.46
C PHE B 288 -16.23 -28.45 20.02
N ARG B 289 -16.16 -27.49 20.92
CA ARG B 289 -16.62 -26.16 20.65
C ARG B 289 -15.72 -25.45 19.59
N VAL B 290 -16.37 -24.83 18.62
CA VAL B 290 -15.70 -24.02 17.61
C VAL B 290 -16.25 -22.61 17.77
N VAL B 291 -15.36 -21.65 18.01
CA VAL B 291 -15.78 -20.29 18.23
C VAL B 291 -14.82 -19.24 17.60
N GLU B 292 -15.41 -18.12 17.23
CA GLU B 292 -14.68 -16.98 16.75
C GLU B 292 -14.72 -15.98 17.89
N ARG B 293 -13.60 -15.80 18.57
CA ARG B 293 -13.49 -14.94 19.73
C ARG B 293 -12.11 -14.33 19.81
N THR B 294 -12.05 -13.11 20.33
CA THR B 294 -10.80 -12.43 20.60
C THR B 294 -9.90 -13.26 21.54
N ILE B 295 -8.59 -13.29 21.25
CA ILE B 295 -7.61 -14.01 22.06
C ILE B 295 -6.53 -13.01 22.49
N THR B 296 -6.30 -12.89 23.79
CA THR B 296 -5.29 -11.92 24.28
C THR B 296 -4.04 -12.67 24.75
N MET B 297 -2.94 -11.95 24.88
CA MET B 297 -1.71 -12.58 25.38
C MET B 297 -1.92 -12.99 26.85
N LYS B 298 -2.61 -12.15 27.61
CA LYS B 298 -2.92 -12.45 29.01
C LYS B 298 -3.60 -13.81 29.11
N GLN B 299 -4.57 -14.07 28.25
CA GLN B 299 -5.31 -15.32 28.25
C GLN B 299 -4.44 -16.49 27.85
N LEU B 300 -3.52 -16.27 26.91
CA LEU B 300 -2.66 -17.35 26.47
C LEU B 300 -1.62 -17.69 27.55
N LEU B 301 -1.03 -16.68 28.17
CA LEU B 301 -0.04 -16.93 29.22
C LEU B 301 -0.64 -17.75 30.35
N ARG B 302 -1.81 -17.36 30.82
CA ARG B 302 -2.48 -18.04 31.92
C ARG B 302 -2.84 -19.46 31.53
N ALA B 303 -3.30 -19.64 30.30
CA ALA B 303 -3.64 -20.96 29.83
C ALA B 303 -2.39 -21.82 29.71
N LEU B 304 -1.25 -21.20 29.45
CA LEU B 304 0.00 -21.94 29.32
C LEU B 304 0.55 -22.30 30.69
N GLU B 305 0.39 -21.42 31.68
CA GLU B 305 0.82 -21.71 33.05
C GLU B 305 -0.05 -22.77 33.74
N GLU B 306 -1.24 -23.01 33.21
CA GLU B 306 -2.17 -24.02 33.77
C GLU B 306 -2.21 -25.26 32.90
N GLY B 307 -1.35 -25.30 31.88
CA GLY B 307 -1.26 -26.44 31.00
C GLY B 307 -2.52 -26.72 30.19
N ARG B 308 -3.31 -25.68 29.87
CA ARG B 308 -4.58 -25.88 29.14
C ARG B 308 -4.48 -25.76 27.61
N VAL B 309 -3.32 -25.33 27.12
CA VAL B 309 -3.11 -25.15 25.68
C VAL B 309 -2.62 -26.42 25.07
N ARG B 310 -3.25 -26.87 24.00
CA ARG B 310 -2.78 -28.07 23.32
C ARG B 310 -2.04 -27.74 22.02
N GLU B 311 -2.60 -26.86 21.20
CA GLU B 311 -2.01 -26.53 19.89
C GLU B 311 -2.27 -25.07 19.47
N VAL B 312 -1.23 -24.42 18.94
CA VAL B 312 -1.33 -23.09 18.35
C VAL B 312 -0.75 -23.23 16.96
N PHE B 313 -1.44 -22.66 15.98
CA PHE B 313 -1.03 -22.80 14.59
C PHE B 313 -1.59 -21.76 13.63
N GLY B 314 -0.90 -21.59 12.51
CA GLY B 314 -1.33 -20.66 11.49
C GLY B 314 -2.04 -21.43 10.41
N SER B 315 -2.87 -20.74 9.63
CA SER B 315 -3.57 -21.32 8.48
C SER B 315 -3.40 -20.40 7.25
N GLY B 316 -3.25 -20.97 6.07
CA GLY B 316 -3.15 -20.15 4.87
C GLY B 316 -2.82 -21.03 3.72
N THR B 317 -2.98 -20.52 2.51
CA THR B 317 -2.81 -21.34 1.30
C THR B 317 -1.44 -21.99 1.11
N ALA B 318 -0.37 -21.26 1.38
CA ALA B 318 0.99 -21.78 1.19
C ALA B 318 1.39 -22.93 2.12
N CYS B 319 1.07 -22.81 3.40
CA CYS B 319 1.44 -23.83 4.39
C CYS B 319 0.29 -24.82 4.67
N GLN B 320 -0.94 -24.38 4.40
CA GLN B 320 -2.16 -25.08 4.81
C GLN B 320 -2.32 -24.91 6.33
N VAL B 321 -1.51 -25.61 7.12
CA VAL B 321 -1.56 -25.51 8.58
C VAL B 321 -0.14 -25.54 9.15
N CYS B 322 0.23 -24.54 9.94
CA CYS B 322 1.60 -24.37 10.39
C CYS B 322 1.72 -24.32 11.91
N PRO B 323 2.38 -25.32 12.53
CA PRO B 323 2.46 -25.33 13.99
C PRO B 323 3.39 -24.28 14.55
N VAL B 324 3.06 -23.82 15.76
CA VAL B 324 3.88 -22.85 16.47
C VAL B 324 4.39 -23.55 17.71
N HIS B 325 5.68 -23.36 18.01
CA HIS B 325 6.28 -23.96 19.21
C HIS B 325 6.89 -22.92 20.15
N ARG B 326 7.05 -21.68 19.68
CA ARG B 326 7.66 -20.68 20.53
C ARG B 326 7.21 -19.28 20.19
N ILE B 327 6.99 -18.49 21.22
CA ILE B 327 6.70 -17.10 21.01
C ILE B 327 7.63 -16.29 21.87
N LEU B 328 8.36 -15.38 21.24
CA LEU B 328 9.24 -14.45 21.95
C LEU B 328 8.41 -13.22 22.22
N TYR B 329 8.05 -13.03 23.48
CA TYR B 329 7.19 -11.93 23.92
C TYR B 329 7.79 -11.21 25.11
N LYS B 330 7.84 -9.87 25.06
CA LYS B 330 8.43 -9.07 26.15
C LYS B 330 9.84 -9.59 26.45
N ASP B 331 10.62 -9.80 25.40
CA ASP B 331 11.99 -10.34 25.52
C ASP B 331 12.15 -11.74 26.12
N ARG B 332 11.09 -12.30 26.72
CA ARG B 332 11.17 -13.65 27.28
C ARG B 332 10.45 -14.67 26.39
N ASN B 333 11.02 -15.88 26.30
CA ASN B 333 10.51 -16.91 25.43
C ASN B 333 9.41 -17.74 26.05
N LEU B 334 8.33 -17.94 25.30
CA LEU B 334 7.23 -18.79 25.74
C LEU B 334 7.26 -20.04 24.90
N HIS B 335 7.24 -21.19 25.55
CA HIS B 335 7.22 -22.44 24.81
C HIS B 335 5.75 -22.78 24.57
N ILE B 336 5.45 -23.29 23.38
CA ILE B 336 4.09 -23.66 23.04
C ILE B 336 4.11 -25.15 22.81
N PRO B 337 3.33 -25.91 23.59
CA PRO B 337 3.43 -27.36 23.54
C PRO B 337 2.71 -28.01 22.36
N THR B 338 2.64 -27.31 21.24
CA THR B 338 1.95 -27.83 20.05
C THR B 338 2.42 -29.21 19.63
N MET B 339 3.72 -29.39 19.45
CA MET B 339 4.24 -30.67 18.94
C MET B 339 4.09 -31.79 19.96
N GLU B 340 4.09 -31.45 21.24
CA GLU B 340 3.90 -32.44 22.30
C GLU B 340 2.52 -33.09 22.22
N ASN B 341 1.57 -32.37 21.64
CA ASN B 341 0.20 -32.83 21.59
C ASN B 341 -0.16 -33.50 20.29
N GLY B 342 0.84 -34.07 19.62
CA GLY B 342 0.64 -34.80 18.38
C GLY B 342 1.51 -34.25 17.26
N PRO B 343 1.12 -33.09 16.69
CA PRO B 343 -0.06 -32.27 16.99
C PRO B 343 -1.31 -32.88 16.36
N GLU B 344 -2.19 -33.39 17.23
CA GLU B 344 -3.33 -34.21 16.78
C GLU B 344 -4.30 -33.45 15.90
N LEU B 345 -4.77 -32.29 16.34
CA LEU B 345 -5.73 -31.51 15.56
C LEU B 345 -5.12 -31.13 14.22
N ILE B 346 -3.90 -30.60 14.29
CA ILE B 346 -3.17 -30.20 13.08
C ILE B 346 -3.08 -31.36 12.10
N LEU B 347 -2.72 -32.53 12.59
CA LEU B 347 -2.57 -33.71 11.71
C LEU B 347 -3.88 -34.16 11.08
N ARG B 348 -4.95 -34.08 11.85
CA ARG B 348 -6.27 -34.44 11.35
C ARG B 348 -6.70 -33.47 10.26
N PHE B 349 -6.58 -32.17 10.55
CA PHE B 349 -6.90 -31.14 9.56
C PHE B 349 -6.14 -31.37 8.27
N GLN B 350 -4.84 -31.58 8.39
CA GLN B 350 -4.01 -31.78 7.19
C GLN B 350 -4.43 -32.98 6.36
N LYS B 351 -4.77 -34.06 7.04
CA LYS B 351 -5.13 -35.27 6.33
C LYS B 351 -6.44 -35.10 5.57
N GLU B 352 -7.44 -34.48 6.20
CA GLU B 352 -8.75 -34.27 5.57
C GLU B 352 -8.64 -33.34 4.36
N LEU B 353 -7.93 -32.23 4.54
CA LEU B 353 -7.66 -31.31 3.43
C LEU B 353 -6.95 -32.01 2.29
N LYS B 354 -5.92 -32.76 2.62
CA LYS B 354 -5.20 -33.51 1.63
C LYS B 354 -6.13 -34.49 0.86
N GLU B 355 -6.97 -35.23 1.60
CA GLU B 355 -7.87 -36.19 0.92
C GLU B 355 -8.83 -35.48 -0.01
N ILE B 356 -9.36 -34.34 0.44
CA ILE B 356 -10.26 -33.52 -0.38
C ILE B 356 -9.53 -32.90 -1.57
N GLN B 357 -8.40 -32.25 -1.31
CA GLN B 357 -7.63 -31.56 -2.35
C GLN B 357 -7.10 -32.46 -3.45
N TYR B 358 -6.60 -33.63 -3.08
CA TYR B 358 -6.11 -34.57 -4.08
C TYR B 358 -7.22 -35.54 -4.58
N GLY B 359 -8.49 -35.23 -4.30
CA GLY B 359 -9.64 -35.96 -4.84
C GLY B 359 -9.87 -37.38 -4.34
N ILE B 360 -9.36 -37.69 -3.15
CA ILE B 360 -9.49 -39.00 -2.54
C ILE B 360 -10.92 -39.16 -1.97
N ARG B 361 -11.45 -38.07 -1.41
CA ARG B 361 -12.87 -37.99 -1.08
C ARG B 361 -13.49 -36.97 -2.00
N ALA B 362 -14.60 -37.29 -2.64
CA ALA B 362 -15.27 -36.31 -3.47
C ALA B 362 -15.79 -35.21 -2.55
N HIS B 363 -15.82 -33.98 -3.02
CA HIS B 363 -16.27 -32.89 -2.19
C HIS B 363 -16.59 -31.69 -3.05
N GLU B 364 -17.69 -31.03 -2.71
CA GLU B 364 -18.14 -29.85 -3.45
C GLU B 364 -17.16 -28.65 -3.38
N TRP B 365 -16.23 -28.67 -2.42
CA TRP B 365 -15.21 -27.63 -2.28
C TRP B 365 -14.27 -27.63 -3.48
N MET B 366 -14.11 -28.77 -4.14
CA MET B 366 -13.16 -28.84 -5.24
C MET B 366 -13.85 -28.49 -6.55
N PHE B 367 -13.12 -27.75 -7.38
CA PHE B 367 -13.60 -27.23 -8.67
C PHE B 367 -12.70 -27.84 -9.73
N PRO B 368 -13.26 -28.72 -10.57
CA PRO B 368 -12.41 -29.44 -11.52
C PRO B 368 -11.93 -28.59 -12.70
N VAL B 369 -10.67 -28.75 -13.07
CA VAL B 369 -10.14 -28.03 -14.21
C VAL B 369 -10.33 -28.85 -15.50
N1 PLP C . 0.19 14.91 3.95
C2 PLP C . 0.24 13.79 3.23
C2A PLP C . -0.65 12.65 3.59
C3 PLP C . 1.20 13.71 2.10
O3 PLP C . 1.26 12.57 1.36
C4 PLP C . 2.04 14.90 1.81
C4A PLP C . 2.99 14.84 0.68
C5 PLP C . 1.85 16.10 2.70
C6 PLP C . 0.92 16.01 3.73
C5A PLP C . 2.56 17.44 2.58
O4P PLP C . 3.77 17.34 1.90
P PLP C . 4.68 18.55 1.33
O1P PLP C . 4.42 19.79 2.17
O2P PLP C . 6.04 17.94 1.58
O3P PLP C . 4.33 18.66 -0.14
O1 4VT D . -5.15 15.79 -5.27
C2 4VT D . -4.04 16.13 -4.93
C3 4VT D . -2.79 15.50 -5.30
C4 4VT D . -1.60 15.94 -4.86
C5 4VT D . -0.31 15.28 -5.22
C6 4VT D . 0.00 14.32 -4.12
C7 4VT D . 0.69 14.74 -3.00
C8 4VT D . 0.95 13.85 -1.98
C9 4VT D . 0.50 12.54 -2.07
C10 4VT D . -0.19 12.12 -3.18
C11 4VT D . -0.45 13.02 -4.21
N12 4VT D . -1.56 17.03 -4.01
C13 4VT D . -2.68 17.67 -3.63
C14 4VT D . -2.99 18.74 -2.82
C15 4VT D . -4.38 18.86 -2.86
N16 4VT D . -4.93 17.91 -3.64
N17 4VT D . -3.87 17.20 -4.08
C18 4VT D . -2.05 19.56 -2.11
N19 4VT D . -1.25 20.18 -1.55
CL CL E . 16.46 23.37 3.47
CL CL F . 8.11 11.53 11.58
C1 EDO G . -0.39 38.30 10.35
O1 EDO G . 0.78 37.96 11.08
C2 EDO G . -1.42 37.25 10.66
O2 EDO G . -2.06 37.56 11.90
C1 EDO H . 11.96 -0.83 -16.58
O1 EDO H . 11.69 -0.49 -17.94
C2 EDO H . 13.32 -1.49 -16.53
O2 EDO H . 14.26 -0.47 -16.90
C1 EDO I . 7.71 9.44 14.87
O1 EDO I . 7.33 8.07 14.96
C2 EDO I . 8.12 9.89 16.26
O2 EDO I . 7.13 9.47 17.21
C1 EDO J . 6.94 14.24 19.10
O1 EDO J . 6.51 12.98 18.57
C2 EDO J . 6.07 14.55 20.32
O2 EDO J . 4.71 14.19 20.03
C1 EDO K . 13.84 31.95 6.80
O1 EDO K . 12.97 32.12 5.66
C2 EDO K . 12.93 31.73 7.99
O2 EDO K . 11.59 31.74 7.50
N1 PLP L . -3.76 -13.46 6.51
C2 PLP L . -3.32 -12.49 5.68
C2A PLP L . -2.81 -11.19 6.23
C3 PLP L . -3.32 -12.73 4.22
O3 PLP L . -2.90 -11.77 3.37
C4 PLP L . -3.84 -14.02 3.74
C4A PLP L . -3.85 -14.23 2.28
C5 PLP L . -4.31 -15.01 4.77
C6 PLP L . -4.22 -14.65 6.12
C5A PLP L . -4.82 -16.43 4.51
O4P PLP L . -5.54 -16.55 3.34
P PLP L . -5.95 -17.93 2.64
O1P PLP L . -6.28 -18.91 3.77
O2P PLP L . -7.15 -17.42 1.87
O3P PLP L . -4.78 -18.33 1.75
O1 4VT M . 6.17 -16.04 2.79
C2 4VT M . 5.04 -16.34 2.46
C3 4VT M . 4.32 -15.91 1.29
C4 4VT M . 3.07 -16.31 1.01
C5 4VT M . 2.30 -15.83 -0.19
C6 4VT M . 1.36 -14.79 0.29
C7 4VT M . 0.13 -15.14 0.80
C8 4VT M . -0.72 -14.17 1.27
C9 4VT M . -0.32 -12.84 1.24
C10 4VT M . 0.92 -12.48 0.74
C11 4VT M . 1.75 -13.46 0.28
N12 4VT M . 2.43 -17.15 1.88
C13 4VT M . 3.05 -17.59 3.00
C14 4VT M . 2.72 -18.42 4.05
C15 4VT M . 3.84 -18.45 4.88
N16 4VT M . 4.82 -17.69 4.40
N17 4VT M . 4.32 -17.19 3.25
C18 4VT M . 1.48 -19.08 4.19
N19 4VT M . 0.49 -19.67 4.30
CL CL N . -16.61 -23.15 -1.47
CL CL O . -14.19 -9.30 6.78
C1 EDO P . 7.28 -20.65 2.19
O1 EDO P . 6.31 -20.83 3.23
C2 EDO P . 6.75 -19.60 1.22
O2 EDO P . 5.51 -20.02 0.65
C1 EDO Q . -17.00 -30.85 6.00
O1 EDO Q . -16.06 -31.22 4.97
C2 EDO Q . -16.97 -29.35 6.17
O2 EDO Q . -18.12 -28.77 5.55
C1 EDO R . -0.80 -3.54 -21.71
O1 EDO R . -1.56 -4.72 -22.00
C2 EDO R . -0.05 -3.78 -20.42
O2 EDO R . 1.19 -4.41 -20.70
C1 EDO S . -8.22 -34.43 17.06
O1 EDO S . -9.64 -34.20 17.12
C2 EDO S . -7.52 -33.71 18.20
O2 EDO S . -8.47 -33.24 19.15
C1 EDO T . -20.45 -24.27 -6.11
O1 EDO T . -21.19 -25.49 -6.26
C2 EDO T . -19.82 -24.24 -4.72
O2 EDO T . -19.94 -22.94 -4.13
#